data_3K9Y
#
_entry.id   3K9Y
#
_cell.length_a   182.297
_cell.length_b   81.303
_cell.length_c   108.707
_cell.angle_alpha   90.00
_cell.angle_beta   122.44
_cell.angle_gamma   90.00
#
_symmetry.space_group_name_H-M   'C 1 2 1'
#
loop_
_entity.id
_entity.type
_entity.pdbx_description
1 polymer '1,25-dihydroxyvitamin D(3) 24-hydroxylase, mitochondrial'
2 non-polymer 'PROTOPORPHYRIN IX CONTAINING FE'
3 non-polymer 5-CYCLOHEXYL-1-PENTYL-BETA-D-MALTOSIDE
#
_entity_poly.entity_id   1
_entity_poly.type   'polypeptide(L)'
_entity_poly.pdbx_seq_one_letter_code
;MASRAPKEVPLCPLMTDGETRNVTDLPGPTNWPLLGSLLEIFWKGGLKKQHDTLAEYHKKYGQIFRMKLGSFDSVHLGSP
SLLEALYRTESAHPQRLEIKPWKAYRDHRNEAYGLMILEGQEWQRVRSAFQKKLMKPVEIMKLDKKINEVLADFLERMDE
LCDERGRIPDLYSELNKWSFESICLVLYEKRFGLLQKETEEEALTFITAIKTMMSTFGKMMVTPVELHKRLNTKVWQAHT
LAWDTIFKSVKPCIDNRLQRYSQQPGADFLCDIYQQDHLSKKELYAAVTELQLAAVETTANSLMWILYNLSRNPQAQRRL
LQEVQSVLPDNQTPRAEDLRNMPYLKACLKESMRLTPSVPFTTRTLDKPTVLGEYALPKGTVLTLNTQVLGSSEDNFEDS
HKFRPERWLQKEKKINPFAHLPFGIGKRMCIGRRLAELQLHLALCWIIQKYDIVATDNEPVEMLHLGILVPSRELPIAFR
PR
;
_entity_poly.pdbx_strand_id   A,B
#
loop_
_chem_comp.id
_chem_comp.type
_chem_comp.name
_chem_comp.formula
CM5 non-polymer 5-CYCLOHEXYL-1-PENTYL-BETA-D-MALTOSIDE 'C23 H42 O11'
HEM non-polymer 'PROTOPORPHYRIN IX CONTAINING FE' 'C34 H32 Fe N4 O4'
#
# COMPACT_ATOMS: atom_id res chain seq x y z
N ASN A 22 -15.85 -32.08 24.76
CA ASN A 22 -17.18 -31.47 24.46
C ASN A 22 -17.65 -31.88 23.07
N VAL A 23 -18.69 -31.19 22.61
CA VAL A 23 -19.28 -31.43 21.29
C VAL A 23 -19.82 -30.08 20.85
N THR A 24 -20.37 -29.32 21.79
CA THR A 24 -20.92 -28.00 21.52
C THR A 24 -20.03 -26.91 22.13
N ASP A 25 -18.73 -27.13 22.08
CA ASP A 25 -17.80 -26.11 22.59
C ASP A 25 -17.18 -25.48 21.38
N LEU A 26 -17.48 -26.05 20.22
CA LEU A 26 -16.99 -25.57 18.94
C LEU A 26 -15.68 -24.79 19.14
N PRO A 27 -15.72 -23.45 19.31
CA PRO A 27 -16.87 -22.55 19.33
C PRO A 27 -17.17 -22.04 17.93
N GLY A 28 -17.71 -20.84 17.85
CA GLY A 28 -18.01 -20.29 16.54
C GLY A 28 -18.80 -19.02 16.74
N PRO A 29 -19.41 -18.52 15.67
CA PRO A 29 -20.18 -17.28 15.74
C PRO A 29 -21.56 -17.59 16.33
N THR A 30 -22.15 -16.65 17.08
CA THR A 30 -23.46 -16.86 17.68
C THR A 30 -24.26 -17.62 16.63
N ASN A 31 -25.12 -18.54 17.08
CA ASN A 31 -25.89 -19.37 16.16
C ASN A 31 -27.24 -18.80 15.73
N TRP A 32 -27.36 -17.48 15.77
CA TRP A 32 -28.58 -16.76 15.38
C TRP A 32 -29.66 -17.65 14.73
N PRO A 33 -30.91 -17.49 15.15
CA PRO A 33 -32.10 -18.22 14.69
C PRO A 33 -32.22 -18.55 13.20
N LEU A 34 -32.81 -19.71 12.92
CA LEU A 34 -33.05 -20.20 11.57
C LEU A 34 -31.92 -20.13 10.57
N LEU A 35 -31.26 -18.98 10.49
CA LEU A 35 -30.17 -18.78 9.54
C LEU A 35 -28.82 -19.32 9.98
N GLY A 36 -28.45 -19.04 11.21
CA GLY A 36 -27.16 -19.47 11.68
C GLY A 36 -26.30 -18.25 11.40
N SER A 37 -25.09 -18.44 10.91
CA SER A 37 -24.26 -17.28 10.62
C SER A 37 -24.53 -16.72 9.23
N LEU A 38 -25.53 -17.29 8.56
CA LEU A 38 -25.90 -16.84 7.22
C LEU A 38 -26.30 -15.37 7.28
N LEU A 39 -26.10 -14.77 8.45
CA LEU A 39 -26.43 -13.39 8.63
C LEU A 39 -25.17 -12.56 8.33
N GLU A 40 -24.18 -12.68 9.23
CA GLU A 40 -22.93 -11.94 9.07
C GLU A 40 -22.40 -12.21 7.67
N ILE A 41 -22.33 -13.49 7.28
CA ILE A 41 -21.87 -13.87 5.96
C ILE A 41 -22.34 -12.86 4.92
N PHE A 42 -23.48 -12.22 5.16
CA PHE A 42 -23.95 -11.21 4.21
C PHE A 42 -23.64 -9.80 4.72
N TRP A 43 -23.99 -9.57 5.98
CA TRP A 43 -23.74 -8.31 6.65
C TRP A 43 -22.22 -8.25 6.79
N LYS A 44 -21.54 -8.60 5.69
CA LYS A 44 -20.09 -8.58 5.62
C LYS A 44 -19.62 -8.73 4.18
N GLY A 45 -20.54 -8.99 3.25
CA GLY A 45 -20.13 -9.12 1.87
C GLY A 45 -20.90 -10.16 1.10
N GLY A 46 -21.39 -11.18 1.78
CA GLY A 46 -22.12 -12.19 1.06
C GLY A 46 -21.24 -13.38 0.74
N LEU A 47 -21.68 -14.22 -0.18
CA LEU A 47 -20.90 -15.37 -0.55
C LEU A 47 -19.59 -15.05 -1.24
N LYS A 48 -19.61 -14.05 -2.12
CA LYS A 48 -18.42 -13.69 -2.86
C LYS A 48 -17.28 -13.23 -1.97
N LYS A 49 -17.59 -12.95 -0.71
CA LYS A 49 -16.55 -12.54 0.24
C LYS A 49 -16.43 -13.54 1.40
N GLN A 50 -17.01 -14.73 1.22
CA GLN A 50 -17.01 -15.77 2.24
C GLN A 50 -15.64 -16.14 2.78
N HIS A 51 -14.69 -16.31 1.87
CA HIS A 51 -13.31 -16.66 2.24
C HIS A 51 -12.75 -15.65 3.24
N ASP A 52 -13.11 -14.39 3.06
CA ASP A 52 -12.62 -13.32 3.93
C ASP A 52 -13.14 -13.48 5.34
N THR A 53 -14.46 -13.48 5.49
CA THR A 53 -15.08 -13.61 6.80
C THR A 53 -14.69 -14.92 7.51
N LEU A 54 -14.60 -16.02 6.76
CA LEU A 54 -14.20 -17.29 7.38
C LEU A 54 -12.79 -17.09 7.90
N ALA A 55 -12.01 -16.30 7.17
CA ALA A 55 -10.63 -16.01 7.54
C ALA A 55 -10.60 -15.31 8.89
N GLU A 56 -11.58 -14.45 9.12
CA GLU A 56 -11.66 -13.71 10.39
C GLU A 56 -12.06 -14.62 11.54
N TYR A 57 -13.12 -15.39 11.36
CA TYR A 57 -13.58 -16.32 12.39
C TYR A 57 -12.37 -17.09 12.85
N HIS A 58 -11.65 -17.65 11.88
CA HIS A 58 -10.44 -18.40 12.17
C HIS A 58 -9.47 -17.56 12.98
N LYS A 59 -9.39 -16.27 12.69
CA LYS A 59 -8.51 -15.38 13.43
C LYS A 59 -9.10 -15.34 14.84
N LYS A 60 -10.41 -15.18 14.89
CA LYS A 60 -11.17 -15.12 16.12
C LYS A 60 -11.09 -16.40 16.94
N TYR A 61 -12.04 -17.30 16.69
CA TYR A 61 -12.16 -18.58 17.40
C TYR A 61 -11.05 -19.62 17.26
N GLY A 62 -9.92 -19.22 16.72
CA GLY A 62 -8.81 -20.15 16.60
C GLY A 62 -8.84 -21.32 15.63
N GLN A 63 -7.78 -22.11 15.74
CA GLN A 63 -7.53 -23.29 14.92
C GLN A 63 -8.75 -23.98 14.35
N ILE A 64 -9.77 -24.13 15.17
CA ILE A 64 -10.97 -24.81 14.72
C ILE A 64 -12.22 -24.24 15.38
N PHE A 65 -13.33 -24.33 14.66
CA PHE A 65 -14.63 -23.86 15.12
C PHE A 65 -15.67 -24.48 14.18
N ARG A 66 -16.86 -23.89 14.13
CA ARG A 66 -17.88 -24.44 13.24
C ARG A 66 -19.03 -23.49 13.14
N MET A 67 -19.70 -23.52 11.99
CA MET A 67 -20.84 -22.65 11.75
C MET A 67 -21.93 -23.35 10.97
N LYS A 68 -23.10 -22.71 10.95
CA LYS A 68 -24.24 -23.27 10.27
C LYS A 68 -24.92 -22.21 9.42
N LEU A 69 -24.84 -22.40 8.11
CA LEU A 69 -25.50 -21.49 7.18
C LEU A 69 -26.80 -22.23 6.96
N GLY A 70 -27.87 -21.72 7.55
CA GLY A 70 -29.15 -22.39 7.42
C GLY A 70 -29.06 -23.73 8.11
N SER A 71 -29.69 -24.74 7.54
CA SER A 71 -29.67 -26.05 8.15
C SER A 71 -28.38 -26.74 7.81
N PHE A 72 -27.48 -26.05 7.12
CA PHE A 72 -26.19 -26.63 6.75
C PHE A 72 -25.18 -26.41 7.83
N ASP A 73 -24.68 -27.50 8.40
CA ASP A 73 -23.71 -27.43 9.49
C ASP A 73 -22.37 -28.00 9.05
N SER A 74 -21.28 -27.36 9.47
CA SER A 74 -19.95 -27.85 9.13
C SER A 74 -18.92 -27.26 10.06
N VAL A 75 -17.80 -27.95 10.21
CA VAL A 75 -16.71 -27.48 11.06
C VAL A 75 -15.52 -27.15 10.19
N HIS A 76 -14.96 -25.96 10.42
CA HIS A 76 -13.83 -25.45 9.66
C HIS A 76 -12.48 -25.73 10.28
N LEU A 77 -11.58 -26.27 9.46
CA LEU A 77 -10.22 -26.60 9.89
C LEU A 77 -9.27 -25.58 9.26
N GLY A 78 -8.51 -24.89 10.10
CA GLY A 78 -7.57 -23.91 9.59
C GLY A 78 -6.22 -23.92 10.29
N SER A 79 -5.53 -25.05 10.25
CA SER A 79 -4.21 -25.15 10.88
C SER A 79 -3.43 -26.32 10.35
N PRO A 80 -2.09 -26.18 10.32
CA PRO A 80 -1.19 -27.23 9.83
C PRO A 80 -1.28 -28.47 10.70
N SER A 81 -1.68 -28.27 11.95
CA SER A 81 -1.84 -29.38 12.86
C SER A 81 -3.06 -30.16 12.37
N LEU A 82 -4.23 -29.57 12.57
CA LEU A 82 -5.48 -30.19 12.16
C LEU A 82 -5.38 -30.84 10.80
N LEU A 83 -4.52 -30.28 9.95
CA LEU A 83 -4.35 -30.83 8.61
C LEU A 83 -3.62 -32.16 8.63
N GLU A 84 -2.57 -32.28 9.42
CA GLU A 84 -1.88 -33.56 9.48
C GLU A 84 -2.81 -34.46 10.28
N ALA A 85 -3.42 -33.84 11.30
CA ALA A 85 -4.38 -34.51 12.18
C ALA A 85 -5.63 -34.87 11.39
N LEU A 86 -5.43 -35.13 10.11
CA LEU A 86 -6.52 -35.50 9.23
C LEU A 86 -5.87 -36.28 8.11
N TYR A 87 -4.68 -35.83 7.73
CA TYR A 87 -3.96 -36.51 6.67
C TYR A 87 -3.68 -37.92 7.10
N ARG A 88 -3.24 -38.06 8.33
CA ARG A 88 -2.89 -39.35 8.91
C ARG A 88 -4.13 -40.23 9.15
N THR A 89 -5.20 -39.60 9.64
CA THR A 89 -6.46 -40.30 9.91
C THR A 89 -7.29 -40.50 8.64
N GLU A 90 -6.70 -40.14 7.51
CA GLU A 90 -7.37 -40.25 6.21
C GLU A 90 -7.91 -41.65 5.96
N SER A 91 -8.94 -41.72 5.11
CA SER A 91 -9.55 -42.99 4.75
C SER A 91 -9.07 -43.38 3.36
N ALA A 92 -9.43 -44.59 2.91
CA ALA A 92 -9.01 -45.06 1.60
C ALA A 92 -9.82 -44.37 0.50
N HIS A 93 -11.05 -43.99 0.83
CA HIS A 93 -11.95 -43.33 -0.10
C HIS A 93 -12.37 -42.02 0.53
N PRO A 94 -11.56 -40.96 0.34
CA PRO A 94 -11.98 -39.70 0.96
C PRO A 94 -13.13 -39.18 0.10
N GLN A 95 -13.85 -38.17 0.58
CA GLN A 95 -14.92 -37.64 -0.25
C GLN A 95 -15.33 -36.25 0.17
N ARG A 96 -15.68 -35.44 -0.83
CA ARG A 96 -16.09 -34.05 -0.65
C ARG A 96 -17.60 -33.95 -0.79
N LEU A 97 -18.15 -32.75 -0.64
CA LEU A 97 -19.60 -32.55 -0.77
C LEU A 97 -20.18 -33.26 -1.99
N GLU A 98 -21.46 -33.57 -1.90
CA GLU A 98 -22.12 -34.28 -2.99
C GLU A 98 -22.61 -33.36 -4.09
N ILE A 99 -22.01 -33.46 -5.28
CA ILE A 99 -22.46 -32.64 -6.40
C ILE A 99 -23.57 -33.47 -7.06
N LYS A 100 -24.72 -33.41 -6.42
CA LYS A 100 -25.89 -34.15 -6.85
C LYS A 100 -26.38 -33.87 -8.28
N PRO A 101 -26.38 -32.58 -8.69
CA PRO A 101 -26.83 -32.21 -10.04
C PRO A 101 -26.09 -32.92 -11.17
N TRP A 102 -24.76 -33.02 -11.05
CA TRP A 102 -23.99 -33.70 -12.10
C TRP A 102 -24.38 -35.15 -12.02
N LYS A 103 -24.46 -35.65 -10.79
CA LYS A 103 -24.86 -37.04 -10.59
C LYS A 103 -26.25 -37.23 -11.16
N ALA A 104 -27.17 -36.35 -10.78
CA ALA A 104 -28.52 -36.43 -11.29
C ALA A 104 -28.52 -36.62 -12.82
N TYR A 105 -27.74 -35.80 -13.52
CA TYR A 105 -27.68 -35.88 -14.99
C TYR A 105 -27.16 -37.21 -15.52
N ARG A 106 -26.06 -37.69 -14.93
CA ARG A 106 -25.48 -38.96 -15.37
C ARG A 106 -26.51 -40.07 -15.31
N ASP A 107 -27.15 -40.21 -14.13
CA ASP A 107 -28.19 -41.22 -13.92
C ASP A 107 -29.34 -41.04 -14.94
N HIS A 108 -29.89 -39.83 -14.98
CA HIS A 108 -30.95 -39.55 -15.93
C HIS A 108 -30.52 -39.99 -17.32
N ARG A 109 -29.59 -39.25 -17.91
CA ARG A 109 -29.18 -39.57 -19.28
C ARG A 109 -28.42 -40.89 -19.45
N ASN A 110 -28.09 -41.54 -18.34
CA ASN A 110 -27.37 -42.81 -18.35
C ASN A 110 -25.94 -42.73 -18.88
N GLU A 111 -25.10 -41.99 -18.16
CA GLU A 111 -23.70 -41.80 -18.50
C GLU A 111 -22.87 -42.10 -17.25
N ALA A 112 -21.58 -42.37 -17.46
CA ALA A 112 -20.66 -42.68 -16.38
C ALA A 112 -20.45 -41.49 -15.46
N TYR A 113 -19.63 -41.69 -14.42
CA TYR A 113 -19.31 -40.64 -13.47
C TYR A 113 -17.82 -40.28 -13.62
N GLY A 114 -17.35 -39.30 -12.86
CA GLY A 114 -15.97 -38.91 -12.98
C GLY A 114 -15.35 -38.44 -11.68
N LEU A 115 -14.05 -38.68 -11.52
CA LEU A 115 -13.32 -38.33 -10.32
C LEU A 115 -13.86 -37.23 -9.43
N MET A 116 -14.76 -36.40 -9.95
CA MET A 116 -15.30 -35.32 -9.15
C MET A 116 -16.39 -35.84 -8.25
N ILE A 117 -17.15 -36.79 -8.79
CA ILE A 117 -18.27 -37.40 -8.09
C ILE A 117 -18.14 -38.91 -7.86
N LEU A 118 -17.31 -39.58 -8.65
CA LEU A 118 -17.06 -41.01 -8.48
C LEU A 118 -16.83 -41.27 -6.98
N GLU A 119 -17.18 -42.47 -6.49
CA GLU A 119 -17.02 -42.77 -5.07
C GLU A 119 -16.43 -44.12 -4.69
N GLY A 120 -15.92 -44.17 -3.46
CA GLY A 120 -15.33 -45.38 -2.91
C GLY A 120 -14.47 -46.19 -3.86
N GLN A 121 -14.87 -47.43 -4.09
CA GLN A 121 -14.14 -48.32 -4.97
C GLN A 121 -14.14 -47.76 -6.39
N GLU A 122 -15.32 -47.57 -6.96
CA GLU A 122 -15.45 -47.04 -8.32
C GLU A 122 -14.51 -45.89 -8.58
N TRP A 123 -14.43 -44.95 -7.64
CA TRP A 123 -13.54 -43.80 -7.77
C TRP A 123 -12.11 -44.33 -7.84
N GLN A 124 -11.61 -44.77 -6.70
CA GLN A 124 -10.28 -45.35 -6.58
C GLN A 124 -9.81 -46.11 -7.83
N ARG A 125 -10.75 -46.69 -8.58
CA ARG A 125 -10.39 -47.43 -9.78
C ARG A 125 -9.92 -46.50 -10.88
N VAL A 126 -10.80 -45.57 -11.25
CA VAL A 126 -10.53 -44.59 -12.30
C VAL A 126 -9.33 -43.72 -11.90
N ARG A 127 -9.32 -43.25 -10.66
CA ARG A 127 -8.22 -42.44 -10.18
C ARG A 127 -6.97 -43.13 -10.64
N SER A 128 -6.58 -44.19 -9.92
CA SER A 128 -5.40 -44.96 -10.24
C SER A 128 -5.05 -44.95 -11.71
N ALA A 129 -5.98 -45.38 -12.55
CA ALA A 129 -5.73 -45.44 -13.99
C ALA A 129 -5.14 -44.16 -14.60
N PHE A 130 -5.73 -42.99 -14.31
CA PHE A 130 -5.21 -41.73 -14.83
C PHE A 130 -4.13 -41.23 -13.89
N GLN A 131 -4.54 -41.08 -12.64
CA GLN A 131 -3.68 -40.64 -11.57
C GLN A 131 -2.25 -41.05 -11.84
N LYS A 132 -2.12 -42.24 -12.42
CA LYS A 132 -0.82 -42.81 -12.76
C LYS A 132 -0.53 -42.47 -14.21
N LYS A 133 -0.38 -41.18 -14.52
CA LYS A 133 -0.11 -40.80 -15.91
C LYS A 133 -0.17 -39.31 -16.13
N LEU A 134 -0.73 -38.61 -15.15
CA LEU A 134 -0.85 -37.16 -15.22
C LEU A 134 -0.06 -36.62 -14.04
N MET A 135 0.42 -37.55 -13.22
CA MET A 135 1.22 -37.20 -12.06
C MET A 135 2.54 -37.95 -12.07
N LYS A 136 3.05 -38.20 -13.28
CA LYS A 136 4.33 -38.90 -13.46
C LYS A 136 5.14 -38.11 -14.49
N PRO A 137 6.00 -37.18 -14.02
CA PRO A 137 6.89 -36.29 -14.76
C PRO A 137 7.39 -36.79 -16.10
N VAL A 138 8.02 -37.96 -16.09
CA VAL A 138 8.54 -38.56 -17.32
C VAL A 138 7.47 -38.54 -18.41
N GLU A 139 6.21 -38.62 -18.00
CA GLU A 139 5.08 -38.60 -18.91
C GLU A 139 4.61 -37.17 -19.17
N ILE A 140 4.30 -36.45 -18.10
CA ILE A 140 3.85 -35.07 -18.21
C ILE A 140 4.84 -34.24 -19.05
N MET A 141 6.10 -34.22 -18.62
CA MET A 141 7.14 -33.47 -19.34
C MET A 141 7.02 -33.73 -20.85
N LYS A 142 6.62 -34.94 -21.22
CA LYS A 142 6.50 -35.29 -22.63
C LYS A 142 5.46 -34.47 -23.36
N LEU A 143 4.68 -33.68 -22.64
CA LEU A 143 3.68 -32.82 -23.27
C LEU A 143 4.47 -31.67 -23.90
N ASP A 144 5.66 -31.44 -23.33
CA ASP A 144 6.64 -30.43 -23.73
C ASP A 144 6.32 -29.51 -24.92
N LYS A 145 6.36 -30.06 -26.13
CA LYS A 145 6.12 -29.29 -27.34
C LYS A 145 4.70 -28.82 -27.50
N LYS A 146 3.74 -29.75 -27.48
CA LYS A 146 2.33 -29.41 -27.63
C LYS A 146 1.98 -28.11 -26.89
N ILE A 147 2.36 -28.00 -25.63
CA ILE A 147 2.09 -26.79 -24.86
C ILE A 147 2.72 -25.59 -25.53
N ASN A 148 3.98 -25.72 -25.92
CA ASN A 148 4.71 -24.63 -26.57
C ASN A 148 4.04 -24.23 -27.87
N GLU A 149 3.57 -25.22 -28.63
CA GLU A 149 2.89 -24.93 -29.88
C GLU A 149 1.78 -23.93 -29.57
N VAL A 150 1.06 -24.21 -28.48
CA VAL A 150 -0.04 -23.35 -28.04
C VAL A 150 0.55 -22.02 -27.58
N LEU A 151 1.46 -22.09 -26.63
CA LEU A 151 2.11 -20.89 -26.11
C LEU A 151 2.53 -20.00 -27.27
N ALA A 152 3.05 -20.62 -28.33
CA ALA A 152 3.49 -19.92 -29.53
C ALA A 152 2.38 -18.99 -30.04
N ASP A 153 1.38 -19.60 -30.66
CA ASP A 153 0.24 -18.89 -31.20
C ASP A 153 -0.39 -17.98 -30.17
N PHE A 154 -0.24 -18.31 -28.89
CA PHE A 154 -0.84 -17.43 -27.91
C PHE A 154 -0.12 -16.09 -27.88
N LEU A 155 1.21 -16.10 -27.83
CA LEU A 155 1.94 -14.83 -27.82
C LEU A 155 1.78 -14.15 -29.16
N GLU A 156 1.93 -14.92 -30.23
CA GLU A 156 1.78 -14.41 -31.59
C GLU A 156 0.50 -13.59 -31.70
N ARG A 157 -0.50 -13.99 -30.94
CA ARG A 157 -1.79 -13.32 -30.92
C ARG A 157 -1.75 -12.21 -29.89
N MET A 158 -0.94 -12.39 -28.86
CA MET A 158 -0.82 -11.40 -27.81
C MET A 158 -0.52 -10.00 -28.32
N ASP A 159 0.66 -9.80 -28.88
CA ASP A 159 1.05 -8.49 -29.38
C ASP A 159 -0.03 -7.90 -30.27
N GLU A 160 -0.77 -8.76 -30.95
CA GLU A 160 -1.84 -8.28 -31.83
C GLU A 160 -2.96 -7.68 -30.99
N LEU A 161 -3.26 -8.32 -29.85
CA LEU A 161 -4.32 -7.82 -28.98
C LEU A 161 -3.82 -6.59 -28.24
N CYS A 162 -2.51 -6.55 -27.99
CA CYS A 162 -1.92 -5.41 -27.29
C CYS A 162 -2.19 -4.14 -28.08
N ASP A 163 -2.65 -3.10 -27.39
CA ASP A 163 -2.96 -1.82 -28.04
C ASP A 163 -1.69 -1.02 -28.34
N GLU A 164 -1.13 -0.40 -27.30
CA GLU A 164 0.09 0.39 -27.44
C GLU A 164 0.50 0.80 -26.04
N ARG A 165 -0.43 0.64 -25.11
CA ARG A 165 -0.19 0.93 -23.70
C ARG A 165 0.37 -0.37 -23.15
N GLY A 166 0.19 -1.43 -23.94
CA GLY A 166 0.67 -2.75 -23.54
C GLY A 166 -0.42 -3.60 -22.93
N ARG A 167 -1.61 -3.00 -22.79
CA ARG A 167 -2.77 -3.65 -22.21
C ARG A 167 -3.52 -4.59 -23.13
N ILE A 168 -4.30 -5.48 -22.52
CA ILE A 168 -5.12 -6.43 -23.26
C ILE A 168 -6.54 -6.25 -22.74
N PRO A 169 -7.52 -6.17 -23.65
CA PRO A 169 -8.88 -6.00 -23.15
C PRO A 169 -9.42 -7.40 -22.84
N ASP A 170 -10.02 -7.57 -21.66
CA ASP A 170 -10.55 -8.89 -21.27
C ASP A 170 -9.42 -9.91 -21.09
N LEU A 171 -8.43 -9.55 -20.27
CA LEU A 171 -7.30 -10.43 -20.05
C LEU A 171 -7.71 -11.83 -19.61
N TYR A 172 -8.48 -11.93 -18.52
CA TYR A 172 -8.95 -13.22 -18.02
C TYR A 172 -9.53 -14.04 -19.16
N SER A 173 -10.48 -13.44 -19.85
CA SER A 173 -11.10 -14.12 -20.97
C SER A 173 -10.01 -14.66 -21.87
N GLU A 174 -8.97 -13.84 -22.09
CA GLU A 174 -7.84 -14.21 -22.96
C GLU A 174 -7.06 -15.42 -22.47
N LEU A 175 -6.61 -15.33 -21.22
CA LEU A 175 -5.88 -16.41 -20.58
C LEU A 175 -6.76 -17.67 -20.54
N ASN A 176 -8.06 -17.48 -20.45
CA ASN A 176 -8.92 -18.65 -20.44
C ASN A 176 -8.87 -19.35 -21.79
N LYS A 177 -8.86 -18.57 -22.87
CA LYS A 177 -8.80 -19.15 -24.21
C LYS A 177 -7.53 -19.97 -24.35
N TRP A 178 -6.42 -19.41 -23.87
CA TRP A 178 -5.15 -20.10 -23.94
C TRP A 178 -5.29 -21.47 -23.25
N SER A 179 -5.56 -21.43 -21.95
CA SER A 179 -5.70 -22.66 -21.17
C SER A 179 -6.73 -23.65 -21.75
N PHE A 180 -7.79 -23.14 -22.37
CA PHE A 180 -8.73 -24.05 -22.97
C PHE A 180 -7.95 -24.76 -24.08
N GLU A 181 -7.67 -24.01 -25.15
CA GLU A 181 -6.94 -24.45 -26.35
C GLU A 181 -5.76 -25.38 -26.02
N SER A 182 -4.98 -24.99 -25.01
CA SER A 182 -3.86 -25.81 -24.59
C SER A 182 -4.30 -27.23 -24.14
N ILE A 183 -5.02 -27.31 -23.02
CA ILE A 183 -5.50 -28.58 -22.44
C ILE A 183 -6.29 -29.49 -23.36
N CYS A 184 -6.88 -28.92 -24.41
CA CYS A 184 -7.64 -29.71 -25.37
C CYS A 184 -6.71 -30.25 -26.43
N LEU A 185 -5.46 -29.80 -26.37
CA LEU A 185 -4.54 -30.29 -27.36
C LEU A 185 -4.01 -31.55 -26.70
N VAL A 186 -4.01 -31.48 -25.38
CA VAL A 186 -3.58 -32.55 -24.52
C VAL A 186 -4.62 -33.64 -24.41
N LEU A 187 -5.90 -33.26 -24.46
CA LEU A 187 -6.98 -34.23 -24.29
C LEU A 187 -7.63 -34.85 -25.54
N TYR A 188 -7.82 -34.07 -26.59
CA TYR A 188 -8.47 -34.62 -27.78
C TYR A 188 -7.50 -34.62 -28.94
N GLU A 189 -6.28 -34.19 -28.63
CA GLU A 189 -5.17 -34.10 -29.57
C GLU A 189 -5.56 -33.34 -30.81
N LYS A 190 -6.12 -32.15 -30.62
CA LYS A 190 -6.55 -31.30 -31.71
C LYS A 190 -6.62 -29.87 -31.23
N ARG A 191 -6.42 -28.93 -32.15
CA ARG A 191 -6.48 -27.51 -31.84
C ARG A 191 -7.91 -27.09 -32.15
N PHE A 192 -8.49 -26.28 -31.29
CA PHE A 192 -9.87 -25.86 -31.54
C PHE A 192 -9.93 -24.51 -32.23
N GLY A 193 -8.76 -23.92 -32.46
CA GLY A 193 -8.68 -22.64 -33.15
C GLY A 193 -9.14 -21.41 -32.39
N LEU A 194 -9.23 -21.51 -31.07
CA LEU A 194 -9.68 -20.38 -30.26
C LEU A 194 -8.72 -19.19 -30.33
N LEU A 195 -7.46 -19.47 -30.67
CA LEU A 195 -6.45 -18.43 -30.71
C LEU A 195 -6.35 -17.52 -31.93
N GLN A 196 -7.26 -17.66 -32.91
CA GLN A 196 -7.22 -16.78 -34.09
C GLN A 196 -8.51 -16.85 -34.90
N LYS A 197 -9.02 -15.68 -35.26
CA LYS A 197 -10.27 -15.55 -36.02
C LYS A 197 -10.45 -16.53 -37.17
N GLU A 198 -11.67 -16.61 -37.67
CA GLU A 198 -12.03 -17.53 -38.75
C GLU A 198 -11.79 -18.95 -38.25
N THR A 199 -11.98 -19.14 -36.95
CA THR A 199 -11.80 -20.44 -36.32
C THR A 199 -12.49 -20.45 -34.96
N GLU A 200 -13.80 -20.62 -34.96
CA GLU A 200 -14.62 -20.66 -33.75
C GLU A 200 -15.78 -21.61 -33.95
N GLU A 201 -16.97 -21.03 -33.96
CA GLU A 201 -18.21 -21.75 -34.18
C GLU A 201 -18.45 -22.83 -33.14
N GLU A 202 -18.40 -24.09 -33.53
CA GLU A 202 -18.63 -25.17 -32.57
C GLU A 202 -17.62 -24.98 -31.44
N ALA A 203 -16.63 -24.12 -31.70
CA ALA A 203 -15.64 -23.80 -30.72
C ALA A 203 -16.39 -23.16 -29.55
N LEU A 204 -17.16 -22.10 -29.83
CA LEU A 204 -17.89 -21.41 -28.76
C LEU A 204 -19.25 -21.99 -28.33
N THR A 205 -19.87 -22.84 -29.15
CA THR A 205 -21.13 -23.44 -28.71
C THR A 205 -20.75 -24.39 -27.56
N PHE A 206 -19.69 -25.17 -27.78
CA PHE A 206 -19.18 -26.07 -26.79
C PHE A 206 -18.67 -25.26 -25.61
N ILE A 207 -18.24 -24.03 -25.86
CA ILE A 207 -17.74 -23.23 -24.77
C ILE A 207 -18.89 -22.72 -23.94
N THR A 208 -19.92 -22.24 -24.61
CA THR A 208 -21.09 -21.73 -23.90
C THR A 208 -21.70 -22.87 -23.12
N ALA A 209 -21.92 -23.99 -23.81
CA ALA A 209 -22.49 -25.17 -23.15
C ALA A 209 -21.78 -25.31 -21.82
N ILE A 210 -20.46 -25.21 -21.83
CA ILE A 210 -19.70 -25.34 -20.59
C ILE A 210 -20.09 -24.20 -19.63
N LYS A 211 -20.07 -22.96 -20.14
CA LYS A 211 -20.38 -21.80 -19.30
C LYS A 211 -21.80 -21.78 -18.77
N THR A 212 -22.77 -22.16 -19.60
CA THR A 212 -24.15 -22.23 -19.13
C THR A 212 -24.15 -23.23 -18.00
N MET A 213 -23.93 -24.50 -18.36
CA MET A 213 -23.90 -25.58 -17.39
C MET A 213 -23.17 -25.24 -16.12
N MET A 214 -22.11 -24.46 -16.21
CA MET A 214 -21.32 -24.13 -15.03
C MET A 214 -21.91 -23.15 -14.06
N SER A 215 -23.07 -22.60 -14.39
CA SER A 215 -23.70 -21.61 -13.52
C SER A 215 -25.03 -22.13 -13.02
N THR A 216 -25.71 -22.86 -13.89
CA THR A 216 -27.00 -23.45 -13.60
C THR A 216 -26.94 -24.52 -12.51
N PHE A 217 -26.10 -25.55 -12.68
CA PHE A 217 -26.02 -26.62 -11.69
C PHE A 217 -25.89 -26.01 -10.30
N GLY A 218 -25.23 -24.87 -10.22
CA GLY A 218 -25.07 -24.24 -8.92
C GLY A 218 -26.39 -24.07 -8.21
N LYS A 219 -27.44 -23.73 -8.95
CA LYS A 219 -28.76 -23.53 -8.38
C LYS A 219 -29.48 -24.78 -7.87
N MET A 220 -29.18 -25.93 -8.47
CA MET A 220 -29.80 -27.18 -8.04
C MET A 220 -28.98 -27.82 -6.92
N MET A 221 -28.29 -27.02 -6.12
CA MET A 221 -27.51 -27.54 -5.02
C MET A 221 -28.24 -27.08 -3.76
N VAL A 222 -28.61 -25.81 -3.74
CA VAL A 222 -29.33 -25.22 -2.63
C VAL A 222 -30.79 -25.62 -2.75
N THR A 223 -31.13 -26.27 -3.86
CA THR A 223 -32.51 -26.71 -4.06
C THR A 223 -32.58 -28.17 -4.49
N PRO A 224 -33.65 -28.86 -4.09
CA PRO A 224 -33.93 -30.28 -4.37
C PRO A 224 -33.89 -30.70 -5.83
N VAL A 225 -32.72 -31.10 -6.31
CA VAL A 225 -32.60 -31.49 -7.70
C VAL A 225 -33.68 -32.48 -8.09
N GLU A 226 -33.99 -33.41 -7.20
CA GLU A 226 -35.02 -34.42 -7.50
C GLU A 226 -36.36 -33.74 -7.75
N LEU A 227 -36.65 -32.70 -6.98
CA LEU A 227 -37.88 -31.94 -7.13
C LEU A 227 -37.87 -31.32 -8.53
N HIS A 228 -36.76 -30.64 -8.84
CA HIS A 228 -36.56 -30.02 -10.14
C HIS A 228 -36.88 -31.03 -11.21
N LYS A 229 -36.10 -32.11 -11.25
CA LYS A 229 -36.29 -33.14 -12.26
C LYS A 229 -37.74 -33.51 -12.49
N ARG A 230 -38.46 -33.82 -11.40
CA ARG A 230 -39.85 -34.23 -11.49
C ARG A 230 -40.73 -33.19 -12.14
N LEU A 231 -40.43 -31.92 -11.89
CA LEU A 231 -41.20 -30.84 -12.48
C LEU A 231 -40.65 -30.41 -13.84
N ASN A 232 -39.50 -30.95 -14.21
CA ASN A 232 -38.86 -30.62 -15.49
C ASN A 232 -38.73 -29.12 -15.61
N THR A 233 -38.31 -28.50 -14.51
CA THR A 233 -38.13 -27.07 -14.42
C THR A 233 -37.30 -26.48 -15.56
N LYS A 234 -37.49 -25.19 -15.83
CA LYS A 234 -36.76 -24.52 -16.90
C LYS A 234 -35.28 -24.70 -16.61
N VAL A 235 -34.91 -24.60 -15.34
CA VAL A 235 -33.53 -24.77 -14.95
C VAL A 235 -33.05 -26.22 -15.21
N TRP A 236 -33.82 -27.19 -14.74
CA TRP A 236 -33.45 -28.57 -14.97
C TRP A 236 -33.11 -28.75 -16.44
N GLN A 237 -33.99 -28.27 -17.31
CA GLN A 237 -33.82 -28.40 -18.76
C GLN A 237 -32.58 -27.73 -19.29
N ALA A 238 -32.25 -26.57 -18.73
CA ALA A 238 -31.07 -25.85 -19.16
C ALA A 238 -29.90 -26.80 -18.88
N HIS A 239 -29.59 -26.96 -17.61
CA HIS A 239 -28.54 -27.85 -17.17
C HIS A 239 -28.53 -29.13 -18.02
N THR A 240 -29.69 -29.72 -18.22
CA THR A 240 -29.73 -30.94 -19.02
C THR A 240 -29.09 -30.69 -20.36
N LEU A 241 -29.66 -29.78 -21.15
CA LEU A 241 -29.16 -29.47 -22.47
C LEU A 241 -27.68 -29.11 -22.49
N ALA A 242 -27.25 -28.28 -21.54
CA ALA A 242 -25.85 -27.91 -21.44
C ALA A 242 -25.04 -29.19 -21.53
N TRP A 243 -25.24 -30.09 -20.57
CA TRP A 243 -24.56 -31.37 -20.55
C TRP A 243 -24.92 -32.22 -21.76
N ASP A 244 -26.15 -32.17 -22.24
CA ASP A 244 -26.41 -33.02 -23.39
C ASP A 244 -25.45 -32.69 -24.51
N THR A 245 -25.25 -31.39 -24.71
CA THR A 245 -24.35 -30.84 -25.71
C THR A 245 -22.94 -31.23 -25.40
N ILE A 246 -22.43 -30.74 -24.28
CA ILE A 246 -21.07 -31.04 -23.90
C ILE A 246 -20.66 -32.47 -24.20
N PHE A 247 -21.47 -33.46 -23.82
CA PHE A 247 -21.11 -34.85 -24.10
C PHE A 247 -21.06 -35.13 -25.60
N LYS A 248 -21.82 -34.36 -26.39
CA LYS A 248 -21.82 -34.56 -27.84
C LYS A 248 -20.61 -33.92 -28.53
N SER A 249 -19.96 -33.00 -27.82
CA SER A 249 -18.79 -32.34 -28.37
C SER A 249 -17.54 -33.17 -28.03
N VAL A 250 -17.56 -33.85 -26.89
CA VAL A 250 -16.44 -34.67 -26.45
C VAL A 250 -16.38 -36.09 -27.03
N LYS A 251 -17.53 -36.76 -27.11
CA LYS A 251 -17.53 -38.14 -27.60
C LYS A 251 -16.70 -38.47 -28.82
N PRO A 252 -16.99 -37.84 -29.97
CA PRO A 252 -16.24 -38.11 -31.20
C PRO A 252 -14.74 -37.82 -31.10
N CYS A 253 -14.38 -36.80 -30.32
CA CYS A 253 -12.98 -36.46 -30.15
C CYS A 253 -12.25 -37.63 -29.51
N ILE A 254 -12.88 -38.25 -28.52
CA ILE A 254 -12.28 -39.39 -27.84
C ILE A 254 -12.57 -40.70 -28.58
N ASP A 255 -13.10 -40.61 -29.80
CA ASP A 255 -13.38 -41.81 -30.59
C ASP A 255 -12.36 -41.80 -31.73
N ASN A 256 -11.93 -40.61 -32.09
CA ASN A 256 -10.95 -40.46 -33.16
C ASN A 256 -9.58 -40.80 -32.57
N ARG A 257 -9.37 -40.38 -31.33
CA ARG A 257 -8.11 -40.61 -30.66
C ARG A 257 -7.87 -42.11 -30.40
N LEU A 258 -8.96 -42.87 -30.32
CA LEU A 258 -8.85 -44.31 -30.09
C LEU A 258 -8.74 -45.06 -31.40
N GLN A 259 -9.54 -44.69 -32.38
CA GLN A 259 -9.48 -45.35 -33.67
C GLN A 259 -8.10 -45.12 -34.30
N ARG A 260 -7.42 -44.07 -33.85
CA ARG A 260 -6.11 -43.71 -34.38
C ARG A 260 -4.91 -44.44 -33.76
N TYR A 261 -4.98 -44.73 -32.47
CA TYR A 261 -3.87 -45.44 -31.82
C TYR A 261 -4.34 -46.84 -31.40
N SER A 262 -5.11 -47.45 -32.27
CA SER A 262 -5.64 -48.77 -32.01
C SER A 262 -4.51 -49.81 -31.99
N GLN A 263 -3.73 -49.83 -33.06
CA GLN A 263 -2.63 -50.78 -33.17
C GLN A 263 -1.29 -50.14 -32.87
N GLN A 264 -1.24 -49.31 -31.83
CA GLN A 264 -0.01 -48.63 -31.46
C GLN A 264 0.13 -48.53 -29.94
N PRO A 265 0.20 -49.67 -29.26
CA PRO A 265 0.34 -49.74 -27.80
C PRO A 265 1.47 -48.89 -27.23
N GLY A 266 1.21 -48.31 -26.05
CA GLY A 266 2.20 -47.50 -25.39
C GLY A 266 2.15 -46.04 -25.82
N ALA A 267 1.67 -45.81 -27.04
CA ALA A 267 1.58 -44.46 -27.60
C ALA A 267 0.63 -43.52 -26.85
N ASP A 268 -0.66 -43.59 -27.16
CA ASP A 268 -1.67 -42.72 -26.53
C ASP A 268 -2.00 -43.09 -25.08
N PHE A 269 -1.77 -42.17 -24.15
CA PHE A 269 -2.06 -42.47 -22.75
C PHE A 269 -3.54 -42.80 -22.56
N LEU A 270 -4.39 -42.25 -23.41
CA LEU A 270 -5.83 -42.48 -23.33
C LEU A 270 -6.16 -43.87 -23.84
N CYS A 271 -5.74 -44.13 -25.07
CA CYS A 271 -5.96 -45.41 -25.72
C CYS A 271 -5.33 -46.57 -24.93
N ASP A 272 -4.33 -46.25 -24.11
CA ASP A 272 -3.67 -47.27 -23.32
C ASP A 272 -4.53 -47.63 -22.14
N ILE A 273 -5.19 -46.63 -21.57
CA ILE A 273 -6.08 -46.84 -20.44
C ILE A 273 -7.33 -47.59 -20.91
N TYR A 274 -7.81 -47.20 -22.09
CA TYR A 274 -8.99 -47.82 -22.64
C TYR A 274 -8.78 -49.29 -22.88
N GLN A 275 -7.54 -49.69 -23.16
CA GLN A 275 -7.26 -51.09 -23.45
C GLN A 275 -6.56 -51.91 -22.40
N GLN A 276 -5.55 -51.36 -21.75
CA GLN A 276 -4.87 -52.15 -20.73
C GLN A 276 -5.08 -51.52 -19.37
N ASP A 277 -6.35 -51.36 -19.04
CA ASP A 277 -6.78 -50.79 -17.77
C ASP A 277 -8.29 -50.92 -17.86
N HIS A 278 -8.71 -51.54 -18.94
CA HIS A 278 -10.11 -51.79 -19.27
C HIS A 278 -11.04 -50.80 -18.61
N LEU A 279 -11.50 -49.86 -19.43
CA LEU A 279 -12.43 -48.81 -19.00
C LEU A 279 -13.31 -48.63 -20.23
N SER A 280 -14.60 -48.37 -20.03
CA SER A 280 -15.50 -48.20 -21.18
C SER A 280 -15.43 -46.79 -21.77
N LYS A 281 -15.64 -46.69 -23.08
CA LYS A 281 -15.63 -45.40 -23.76
C LYS A 281 -16.56 -44.48 -22.99
N LYS A 282 -17.65 -45.06 -22.49
CA LYS A 282 -18.64 -44.33 -21.73
C LYS A 282 -18.05 -43.81 -20.42
N GLU A 283 -17.01 -44.48 -19.93
CA GLU A 283 -16.37 -44.05 -18.69
C GLU A 283 -15.29 -43.04 -19.00
N LEU A 284 -14.62 -43.24 -20.14
CA LEU A 284 -13.54 -42.33 -20.54
C LEU A 284 -14.16 -40.98 -20.84
N TYR A 285 -15.25 -40.98 -21.59
CA TYR A 285 -15.95 -39.75 -21.93
C TYR A 285 -16.16 -38.98 -20.64
N ALA A 286 -16.78 -39.65 -19.68
CA ALA A 286 -17.06 -39.02 -18.40
C ALA A 286 -15.82 -38.51 -17.70
N ALA A 287 -14.79 -39.35 -17.62
CA ALA A 287 -13.54 -38.97 -16.94
C ALA A 287 -12.82 -37.80 -17.61
N VAL A 288 -12.60 -37.89 -18.92
CA VAL A 288 -11.94 -36.81 -19.66
C VAL A 288 -12.62 -35.45 -19.45
N THR A 289 -13.93 -35.43 -19.70
CA THR A 289 -14.73 -34.22 -19.57
C THR A 289 -14.61 -33.50 -18.25
N GLU A 290 -14.57 -34.25 -17.15
CA GLU A 290 -14.48 -33.60 -15.85
C GLU A 290 -13.05 -33.17 -15.66
N LEU A 291 -12.15 -33.74 -16.47
CA LEU A 291 -10.74 -33.39 -16.40
C LEU A 291 -10.68 -32.00 -17.01
N GLN A 292 -11.16 -31.87 -18.25
CA GLN A 292 -11.18 -30.56 -18.91
C GLN A 292 -11.83 -29.53 -17.98
N LEU A 293 -13.08 -29.82 -17.61
CA LEU A 293 -13.82 -28.93 -16.72
C LEU A 293 -13.03 -28.51 -15.49
N ALA A 294 -12.36 -29.47 -14.87
CA ALA A 294 -11.62 -29.15 -13.67
C ALA A 294 -10.27 -28.48 -13.96
N ALA A 295 -9.91 -28.46 -15.24
CA ALA A 295 -8.64 -27.87 -15.69
C ALA A 295 -8.68 -26.39 -16.01
N VAL A 296 -8.99 -26.10 -17.26
CA VAL A 296 -9.04 -24.75 -17.83
C VAL A 296 -9.05 -23.49 -16.96
N GLU A 297 -10.22 -23.10 -16.49
CA GLU A 297 -10.27 -21.89 -15.71
C GLU A 297 -9.30 -21.82 -14.56
N THR A 298 -9.21 -22.87 -13.76
CA THR A 298 -8.31 -22.83 -12.62
C THR A 298 -6.92 -22.41 -13.02
N THR A 299 -6.42 -23.11 -14.04
CA THR A 299 -5.09 -22.89 -14.61
C THR A 299 -4.94 -21.41 -14.95
N ALA A 300 -5.73 -20.99 -15.93
CA ALA A 300 -5.75 -19.62 -16.39
C ALA A 300 -5.79 -18.69 -15.22
N ASN A 301 -6.63 -19.03 -14.24
CA ASN A 301 -6.78 -18.18 -13.05
C ASN A 301 -5.51 -17.92 -12.24
N SER A 302 -4.65 -18.93 -12.09
CA SER A 302 -3.44 -18.74 -11.30
C SER A 302 -2.42 -18.01 -12.17
N LEU A 303 -2.40 -18.35 -13.44
CA LEU A 303 -1.50 -17.73 -14.39
C LEU A 303 -1.68 -16.21 -14.26
N MET A 304 -2.93 -15.79 -14.19
CA MET A 304 -3.22 -14.39 -14.07
C MET A 304 -2.80 -13.81 -12.73
N TRP A 305 -2.98 -14.56 -11.65
CA TRP A 305 -2.60 -14.00 -10.36
C TRP A 305 -1.09 -13.94 -10.20
N ILE A 306 -0.38 -14.84 -10.87
CA ILE A 306 1.08 -14.80 -10.76
C ILE A 306 1.49 -13.53 -11.49
N LEU A 307 1.05 -13.38 -12.75
CA LEU A 307 1.38 -12.18 -13.52
C LEU A 307 1.13 -10.96 -12.62
N TYR A 308 -0.10 -10.83 -12.15
CA TYR A 308 -0.45 -9.71 -11.28
C TYR A 308 0.56 -9.51 -10.14
N ASN A 309 0.83 -10.52 -9.35
CA ASN A 309 1.78 -10.33 -8.26
C ASN A 309 3.11 -9.79 -8.79
N LEU A 310 3.53 -10.30 -9.94
CA LEU A 310 4.76 -9.86 -10.57
C LEU A 310 4.70 -8.36 -10.81
N SER A 311 3.67 -7.95 -11.55
CA SER A 311 3.47 -6.54 -11.86
C SER A 311 3.56 -5.63 -10.63
N ARG A 312 3.37 -6.22 -9.44
CA ARG A 312 3.42 -5.44 -8.21
C ARG A 312 4.71 -5.57 -7.43
N ASN A 313 5.65 -6.36 -7.95
CA ASN A 313 6.91 -6.57 -7.25
C ASN A 313 8.03 -6.60 -8.30
N PRO A 314 8.50 -5.42 -8.73
CA PRO A 314 9.56 -5.27 -9.74
C PRO A 314 10.86 -6.01 -9.41
N GLN A 315 11.34 -5.84 -8.18
CA GLN A 315 12.56 -6.50 -7.76
C GLN A 315 12.44 -7.99 -8.09
N ALA A 316 11.44 -8.63 -7.50
CA ALA A 316 11.19 -10.05 -7.70
C ALA A 316 11.00 -10.39 -9.17
N GLN A 317 10.54 -9.43 -9.96
CA GLN A 317 10.35 -9.71 -11.37
C GLN A 317 11.72 -9.64 -12.02
N ARG A 318 12.58 -8.78 -11.47
CA ARG A 318 13.95 -8.61 -11.96
C ARG A 318 14.72 -9.92 -11.75
N ARG A 319 14.79 -10.34 -10.50
CA ARG A 319 15.45 -11.57 -10.12
C ARG A 319 14.87 -12.73 -10.91
N LEU A 320 13.69 -12.52 -11.48
CA LEU A 320 13.04 -13.58 -12.26
C LEU A 320 13.51 -13.49 -13.71
N LEU A 321 13.53 -12.29 -14.25
CA LEU A 321 13.94 -12.10 -15.63
C LEU A 321 15.35 -12.64 -15.80
N GLN A 322 16.23 -12.18 -14.92
CA GLN A 322 17.60 -12.63 -14.94
C GLN A 322 17.64 -14.15 -15.04
N GLU A 323 17.05 -14.83 -14.06
CA GLU A 323 17.04 -16.28 -14.07
C GLU A 323 16.47 -16.87 -15.36
N VAL A 324 15.76 -16.07 -16.14
CA VAL A 324 15.20 -16.61 -17.36
C VAL A 324 16.17 -16.36 -18.51
N GLN A 325 17.07 -15.41 -18.32
CA GLN A 325 18.06 -15.08 -19.33
C GLN A 325 19.28 -15.97 -19.09
N SER A 326 19.62 -16.14 -17.82
CA SER A 326 20.77 -16.97 -17.47
C SER A 326 20.56 -18.36 -18.06
N VAL A 327 19.42 -18.97 -17.76
CA VAL A 327 19.10 -20.32 -18.23
C VAL A 327 18.68 -20.36 -19.70
N LEU A 328 18.31 -19.22 -20.25
CA LEU A 328 17.89 -19.15 -21.65
C LEU A 328 18.49 -17.95 -22.38
N PRO A 329 19.84 -17.86 -22.42
CA PRO A 329 20.52 -16.74 -23.09
C PRO A 329 20.06 -16.70 -24.55
N ASP A 330 19.53 -15.55 -24.96
CA ASP A 330 19.00 -15.36 -26.31
C ASP A 330 17.52 -15.70 -26.16
N ASN A 331 16.69 -15.29 -27.12
CA ASN A 331 15.27 -15.59 -27.04
C ASN A 331 14.89 -16.94 -27.65
N GLN A 332 15.45 -17.99 -27.06
CA GLN A 332 15.19 -19.35 -27.50
C GLN A 332 13.99 -19.90 -26.75
N THR A 333 13.32 -20.87 -27.38
CA THR A 333 12.13 -21.53 -26.84
C THR A 333 12.42 -22.43 -25.64
N PRO A 334 11.68 -22.23 -24.53
CA PRO A 334 11.86 -23.04 -23.31
C PRO A 334 11.51 -24.49 -23.58
N ARG A 335 11.94 -25.38 -22.69
CA ARG A 335 11.65 -26.80 -22.84
C ARG A 335 11.59 -27.44 -21.47
N ALA A 336 10.65 -28.36 -21.28
CA ALA A 336 10.50 -29.03 -20.00
C ALA A 336 11.83 -29.63 -19.67
N GLU A 337 12.38 -29.25 -18.53
CA GLU A 337 13.68 -29.73 -18.06
C GLU A 337 14.35 -28.54 -17.40
N ASP A 338 14.61 -27.53 -18.22
CA ASP A 338 15.26 -26.30 -17.76
C ASP A 338 14.65 -25.85 -16.45
N LEU A 339 13.36 -26.13 -16.29
CA LEU A 339 12.62 -25.75 -15.09
C LEU A 339 13.40 -26.18 -13.86
N ARG A 340 14.15 -27.26 -13.98
CA ARG A 340 14.97 -27.74 -12.89
C ARG A 340 15.99 -26.67 -12.52
N ASN A 341 16.34 -25.84 -13.51
CA ASN A 341 17.32 -24.77 -13.30
C ASN A 341 16.69 -23.42 -13.04
N MET A 342 15.46 -23.41 -12.56
CA MET A 342 14.81 -22.15 -12.29
C MET A 342 13.99 -22.15 -11.04
N PRO A 343 14.67 -22.36 -9.89
CA PRO A 343 14.11 -22.41 -8.54
C PRO A 343 13.38 -21.16 -8.05
N TYR A 344 13.59 -20.03 -8.72
CA TYR A 344 12.92 -18.79 -8.31
C TYR A 344 11.57 -18.68 -9.02
N LEU A 345 11.54 -19.13 -10.27
CA LEU A 345 10.33 -19.12 -11.05
C LEU A 345 9.36 -20.16 -10.46
N LYS A 346 9.79 -21.40 -10.39
CA LYS A 346 8.96 -22.47 -9.84
C LYS A 346 8.41 -22.10 -8.46
N ALA A 347 9.17 -21.30 -7.72
CA ALA A 347 8.78 -20.86 -6.38
C ALA A 347 8.13 -19.47 -6.43
N CYS A 348 8.03 -18.93 -7.63
CA CYS A 348 7.39 -17.64 -7.75
C CYS A 348 5.94 -18.04 -7.84
N LEU A 349 5.69 -19.09 -8.62
CA LEU A 349 4.36 -19.65 -8.81
C LEU A 349 3.85 -20.12 -7.45
N LYS A 350 4.75 -20.64 -6.62
CA LYS A 350 4.37 -21.07 -5.28
C LYS A 350 3.87 -19.83 -4.57
N GLU A 351 4.73 -19.14 -3.85
CA GLU A 351 4.36 -17.92 -3.13
C GLU A 351 3.17 -17.17 -3.75
N SER A 352 3.04 -17.18 -5.07
CA SER A 352 1.91 -16.50 -5.72
C SER A 352 0.61 -17.16 -5.25
N MET A 353 0.62 -18.48 -5.27
CA MET A 353 -0.53 -19.28 -4.86
C MET A 353 -0.80 -19.17 -3.35
N ARG A 354 0.23 -18.88 -2.57
CA ARG A 354 0.04 -18.78 -1.12
C ARG A 354 -0.47 -17.39 -0.72
N LEU A 355 -0.33 -16.43 -1.63
CA LEU A 355 -0.75 -15.06 -1.36
C LEU A 355 -2.06 -14.77 -2.08
N THR A 356 -2.33 -15.50 -3.17
CA THR A 356 -3.54 -15.29 -3.94
C THR A 356 -3.95 -16.62 -4.59
N PRO A 357 -4.46 -17.53 -3.76
CA PRO A 357 -4.90 -18.85 -4.20
C PRO A 357 -6.12 -18.85 -5.11
N SER A 358 -6.02 -19.55 -6.23
CA SER A 358 -7.13 -19.68 -7.15
C SER A 358 -8.27 -20.38 -6.37
N VAL A 359 -7.89 -21.32 -5.52
CA VAL A 359 -8.83 -22.09 -4.70
C VAL A 359 -8.56 -21.93 -3.20
N PRO A 360 -9.53 -21.38 -2.46
CA PRO A 360 -9.42 -21.13 -1.02
C PRO A 360 -9.50 -22.35 -0.12
N PHE A 361 -10.48 -23.21 -0.38
CA PHE A 361 -10.69 -24.38 0.44
C PHE A 361 -11.34 -25.53 -0.30
N THR A 362 -11.10 -26.73 0.22
CA THR A 362 -11.70 -27.92 -0.35
C THR A 362 -12.55 -28.44 0.79
N THR A 363 -13.35 -29.47 0.53
CA THR A 363 -14.21 -30.01 1.57
C THR A 363 -14.04 -31.51 1.71
N ARG A 364 -14.24 -32.01 2.93
CA ARG A 364 -14.14 -33.44 3.19
C ARG A 364 -15.32 -33.93 4.02
N THR A 365 -15.52 -35.24 3.97
CA THR A 365 -16.57 -35.90 4.72
C THR A 365 -15.93 -37.06 5.45
N LEU A 366 -16.16 -37.12 6.76
CA LEU A 366 -15.62 -38.20 7.57
C LEU A 366 -16.55 -39.39 7.39
N ASP A 367 -16.03 -40.60 7.53
CA ASP A 367 -16.86 -41.79 7.42
C ASP A 367 -16.45 -42.72 8.54
N LYS A 368 -16.15 -42.13 9.68
CA LYS A 368 -15.74 -42.81 10.90
C LYS A 368 -15.37 -41.67 11.82
N PRO A 369 -15.97 -41.63 13.02
CA PRO A 369 -15.65 -40.53 13.94
C PRO A 369 -14.14 -40.36 14.05
N THR A 370 -13.68 -39.12 14.09
CA THR A 370 -12.25 -38.86 14.19
C THR A 370 -11.93 -37.76 15.20
N VAL A 371 -10.64 -37.64 15.52
CA VAL A 371 -10.14 -36.68 16.50
C VAL A 371 -9.51 -35.41 15.94
N LEU A 372 -10.05 -34.26 16.33
CA LEU A 372 -9.53 -32.96 15.89
C LEU A 372 -9.74 -31.90 16.97
N GLY A 373 -8.74 -31.05 17.14
CA GLY A 373 -8.83 -30.03 18.17
C GLY A 373 -8.87 -30.77 19.48
N GLU A 374 -9.35 -30.13 20.54
CA GLU A 374 -9.45 -30.83 21.82
C GLU A 374 -10.75 -31.63 21.69
N TYR A 375 -11.23 -31.75 20.45
CA TYR A 375 -12.48 -32.45 20.12
C TYR A 375 -12.31 -33.73 19.31
N ALA A 376 -13.47 -34.34 19.03
CA ALA A 376 -13.58 -35.57 18.25
C ALA A 376 -14.82 -35.36 17.40
N LEU A 377 -14.71 -35.65 16.11
CA LEU A 377 -15.82 -35.46 15.22
C LEU A 377 -16.73 -36.65 15.02
N PRO A 378 -18.05 -36.40 15.15
CA PRO A 378 -19.22 -37.29 15.05
C PRO A 378 -19.37 -38.25 13.85
N LYS A 379 -18.32 -38.44 13.05
CA LYS A 379 -18.42 -39.33 11.90
C LYS A 379 -19.52 -38.90 10.92
N GLY A 380 -19.13 -38.71 9.66
CA GLY A 380 -20.09 -38.29 8.64
C GLY A 380 -20.27 -36.78 8.64
N THR A 381 -19.37 -36.08 9.33
CA THR A 381 -19.42 -34.64 9.41
C THR A 381 -18.74 -33.98 8.22
N VAL A 382 -19.26 -32.81 7.85
CA VAL A 382 -18.75 -32.03 6.72
C VAL A 382 -17.61 -31.14 7.17
N LEU A 383 -16.44 -31.34 6.58
CA LEU A 383 -15.28 -30.54 6.94
C LEU A 383 -14.92 -29.60 5.81
N THR A 384 -14.63 -28.35 6.14
CA THR A 384 -14.22 -27.37 5.14
C THR A 384 -12.76 -27.04 5.46
N LEU A 385 -11.84 -27.66 4.73
CA LEU A 385 -10.42 -27.44 4.96
C LEU A 385 -10.10 -26.08 4.39
N ASN A 386 -10.00 -25.09 5.26
CA ASN A 386 -9.69 -23.74 4.81
C ASN A 386 -8.21 -23.66 4.41
N THR A 387 -7.81 -24.41 3.38
CA THR A 387 -6.41 -24.42 2.93
C THR A 387 -5.82 -23.03 2.66
N GLN A 388 -6.67 -22.02 2.50
CA GLN A 388 -6.19 -20.67 2.29
C GLN A 388 -5.51 -20.19 3.55
N VAL A 389 -6.31 -19.70 4.49
CA VAL A 389 -5.84 -19.19 5.77
C VAL A 389 -4.46 -19.71 6.19
N LEU A 390 -4.16 -20.95 5.82
CA LEU A 390 -2.86 -21.53 6.17
C LEU A 390 -1.71 -20.63 5.68
N GLY A 391 -1.96 -19.87 4.62
CA GLY A 391 -0.93 -19.00 4.06
C GLY A 391 -0.45 -17.88 4.94
N SER A 392 -1.29 -17.45 5.89
CA SER A 392 -0.93 -16.36 6.79
C SER A 392 -0.47 -16.85 8.16
N SER A 393 -0.35 -18.17 8.31
CA SER A 393 0.07 -18.80 9.56
C SER A 393 1.37 -18.20 10.07
N GLU A 394 1.25 -17.09 10.81
CA GLU A 394 2.42 -16.41 11.37
C GLU A 394 3.10 -17.31 12.39
N ASP A 395 3.95 -18.19 11.88
CA ASP A 395 4.69 -19.15 12.67
C ASP A 395 5.31 -20.07 11.64
N ASN A 396 4.82 -19.92 10.41
CA ASN A 396 5.31 -20.69 9.28
C ASN A 396 5.69 -19.70 8.20
N PHE A 397 5.07 -18.52 8.26
CA PHE A 397 5.34 -17.46 7.30
C PHE A 397 5.53 -16.14 8.03
N GLU A 398 6.75 -15.62 7.95
CA GLU A 398 7.07 -14.35 8.57
C GLU A 398 6.67 -13.32 7.52
N ASP A 399 5.86 -12.34 7.91
CA ASP A 399 5.41 -11.33 6.98
C ASP A 399 4.59 -12.02 5.90
N SER A 400 3.51 -12.65 6.34
CA SER A 400 2.62 -13.37 5.44
C SER A 400 2.11 -12.45 4.33
N HIS A 401 1.85 -11.19 4.68
CA HIS A 401 1.36 -10.24 3.69
C HIS A 401 2.50 -9.65 2.88
N LYS A 402 3.34 -10.52 2.34
CA LYS A 402 4.48 -10.08 1.54
C LYS A 402 4.83 -11.14 0.49
N PHE A 403 5.00 -10.70 -0.76
CA PHE A 403 5.37 -11.64 -1.82
C PHE A 403 6.87 -11.85 -1.72
N ARG A 404 7.29 -13.00 -1.18
CA ARG A 404 8.71 -13.30 -1.04
C ARG A 404 9.05 -14.66 -1.63
N PRO A 405 9.11 -14.76 -2.96
CA PRO A 405 9.43 -16.03 -3.60
C PRO A 405 10.62 -16.79 -2.98
N GLU A 406 11.37 -16.11 -2.11
CA GLU A 406 12.55 -16.70 -1.48
C GLU A 406 12.32 -17.75 -0.40
N ARG A 407 11.49 -17.44 0.59
CA ARG A 407 11.20 -18.39 1.68
C ARG A 407 11.12 -19.86 1.22
N TRP A 408 10.80 -20.06 -0.05
CA TRP A 408 10.69 -21.41 -0.59
C TRP A 408 12.00 -21.87 -1.19
N LEU A 409 13.09 -21.15 -0.92
CA LEU A 409 14.36 -21.53 -1.49
C LEU A 409 15.47 -21.72 -0.48
N GLN A 410 15.80 -20.66 0.25
CA GLN A 410 16.85 -20.73 1.25
C GLN A 410 16.65 -21.97 2.13
N LYS A 411 17.40 -23.03 1.82
CA LYS A 411 17.32 -24.29 2.54
C LYS A 411 17.86 -24.20 3.97
N GLU A 412 17.27 -23.29 4.74
CA GLU A 412 17.61 -23.09 6.15
C GLU A 412 16.23 -22.91 6.72
N LYS A 413 15.29 -22.67 5.80
CA LYS A 413 13.89 -22.45 6.12
C LYS A 413 13.20 -23.57 6.86
N LYS A 414 11.89 -23.43 6.95
CA LYS A 414 11.04 -24.39 7.63
C LYS A 414 9.88 -24.75 6.69
N ILE A 415 8.65 -24.45 7.13
CA ILE A 415 7.44 -24.73 6.36
C ILE A 415 7.10 -26.21 6.27
N ASN A 416 6.12 -26.66 7.05
CA ASN A 416 5.71 -28.06 7.00
C ASN A 416 4.72 -28.17 5.85
N PRO A 417 4.98 -29.07 4.89
CA PRO A 417 4.09 -29.24 3.75
C PRO A 417 2.61 -29.01 4.05
N PHE A 418 2.20 -29.22 5.30
CA PHE A 418 0.81 -29.02 5.71
C PHE A 418 0.48 -27.56 6.04
N ALA A 419 1.06 -26.63 5.28
CA ALA A 419 0.81 -25.21 5.50
C ALA A 419 0.50 -24.56 4.16
N HIS A 420 1.00 -25.18 3.09
CA HIS A 420 0.78 -24.68 1.73
C HIS A 420 0.10 -25.81 0.98
N LEU A 421 -1.19 -25.66 0.68
CA LEU A 421 -1.91 -26.72 -0.03
C LEU A 421 -2.95 -26.18 -1.01
N PRO A 422 -2.51 -25.55 -2.11
CA PRO A 422 -3.40 -24.97 -3.13
C PRO A 422 -4.06 -26.07 -3.93
N PHE A 423 -3.46 -27.24 -3.89
CA PHE A 423 -3.99 -28.37 -4.64
C PHE A 423 -4.71 -29.40 -3.75
N GLY A 424 -4.91 -29.02 -2.49
CA GLY A 424 -5.59 -29.90 -1.57
C GLY A 424 -4.72 -30.99 -1.00
N ILE A 425 -5.00 -31.38 0.24
CA ILE A 425 -4.25 -32.42 0.95
C ILE A 425 -4.83 -33.77 0.54
N GLY A 426 -4.47 -34.82 1.29
CA GLY A 426 -4.99 -36.15 1.04
C GLY A 426 -4.73 -36.79 -0.30
N LYS A 427 -5.31 -37.97 -0.53
CA LYS A 427 -5.12 -38.69 -1.77
C LYS A 427 -6.22 -38.42 -2.78
N ARG A 428 -7.17 -37.58 -2.39
CA ARG A 428 -8.23 -37.23 -3.30
C ARG A 428 -7.96 -35.78 -3.67
N MET A 429 -6.68 -35.40 -3.60
CA MET A 429 -6.23 -34.06 -3.92
C MET A 429 -6.17 -33.89 -5.43
N CYS A 430 -5.84 -32.69 -5.88
CA CYS A 430 -5.77 -32.40 -7.30
C CYS A 430 -4.95 -33.41 -8.08
N ILE A 431 -5.57 -33.99 -9.10
CA ILE A 431 -4.87 -34.97 -9.92
C ILE A 431 -4.13 -34.30 -11.08
N GLY A 432 -4.45 -33.01 -11.31
CA GLY A 432 -3.81 -32.27 -12.39
C GLY A 432 -2.48 -31.64 -12.00
N ARG A 433 -2.42 -31.15 -10.76
CA ARG A 433 -1.25 -30.50 -10.20
C ARG A 433 0.02 -30.49 -11.06
N ARG A 434 0.47 -31.67 -11.48
CA ARG A 434 1.66 -31.73 -12.31
C ARG A 434 1.42 -30.91 -13.57
N LEU A 435 0.82 -31.52 -14.57
CA LEU A 435 0.51 -30.86 -15.83
C LEU A 435 0.02 -29.42 -15.71
N ALA A 436 -0.47 -29.05 -14.53
CA ALA A 436 -0.94 -27.68 -14.33
C ALA A 436 0.31 -26.83 -14.22
N GLU A 437 1.12 -27.14 -13.21
CA GLU A 437 2.36 -26.45 -12.94
C GLU A 437 3.27 -26.42 -14.15
N LEU A 438 3.24 -27.47 -14.95
CA LEU A 438 4.05 -27.48 -16.15
C LEU A 438 3.62 -26.27 -16.96
N GLN A 439 2.34 -26.25 -17.33
CA GLN A 439 1.77 -25.16 -18.12
C GLN A 439 1.99 -23.80 -17.51
N LEU A 440 1.95 -23.72 -16.19
CA LEU A 440 2.13 -22.47 -15.51
C LEU A 440 3.60 -22.13 -15.41
N HIS A 441 4.44 -23.05 -15.88
CA HIS A 441 5.86 -22.79 -15.84
C HIS A 441 6.29 -22.39 -17.23
N LEU A 442 5.88 -23.13 -18.25
CA LEU A 442 6.25 -22.75 -19.61
C LEU A 442 5.70 -21.35 -19.83
N ALA A 443 4.42 -21.22 -20.17
CA ALA A 443 3.85 -19.89 -20.33
C ALA A 443 4.23 -19.26 -19.00
N LEU A 444 4.95 -18.15 -19.06
CA LEU A 444 5.44 -17.46 -17.86
C LEU A 444 6.92 -17.31 -18.16
N CYS A 445 7.36 -18.13 -19.11
CA CYS A 445 8.74 -18.11 -19.56
C CYS A 445 8.59 -17.23 -20.78
N TRP A 446 7.83 -17.70 -21.76
CA TRP A 446 7.63 -16.90 -22.96
C TRP A 446 7.09 -15.51 -22.62
N ILE A 447 6.35 -15.41 -21.53
CA ILE A 447 5.78 -14.13 -21.17
C ILE A 447 6.85 -13.21 -20.63
N ILE A 448 7.50 -13.62 -19.56
CA ILE A 448 8.53 -12.79 -18.97
C ILE A 448 9.69 -12.61 -19.94
N GLN A 449 9.72 -13.44 -20.97
CA GLN A 449 10.73 -13.40 -22.02
C GLN A 449 10.41 -12.19 -22.88
N LYS A 450 9.51 -12.40 -23.83
CA LYS A 450 9.02 -11.41 -24.79
C LYS A 450 8.35 -10.16 -24.20
N TYR A 451 8.09 -10.12 -22.90
CA TYR A 451 7.44 -8.94 -22.32
C TYR A 451 7.90 -8.62 -20.93
N ASP A 452 7.61 -7.38 -20.55
CA ASP A 452 7.89 -6.88 -19.23
C ASP A 452 6.45 -6.79 -18.70
N ILE A 453 6.22 -7.04 -17.41
CA ILE A 453 4.87 -6.94 -16.87
C ILE A 453 4.84 -5.80 -15.88
N VAL A 454 4.20 -4.71 -16.28
CA VAL A 454 4.14 -3.55 -15.40
C VAL A 454 2.71 -3.17 -15.01
N ALA A 455 2.59 -2.66 -13.78
CA ALA A 455 1.30 -2.24 -13.25
C ALA A 455 0.79 -1.01 -13.99
N THR A 456 -0.47 -1.06 -14.40
CA THR A 456 -1.12 0.03 -15.08
C THR A 456 -1.51 1.08 -14.04
N ASP A 457 -1.78 0.63 -12.80
CA ASP A 457 -2.11 1.55 -11.70
C ASP A 457 -1.77 0.98 -10.33
N ASN A 458 -2.05 1.74 -9.29
CA ASN A 458 -1.76 1.29 -7.93
C ASN A 458 -3.01 1.32 -7.09
N GLU A 459 -4.16 1.11 -7.70
CA GLU A 459 -5.38 1.15 -6.94
C GLU A 459 -5.96 -0.23 -6.67
N PRO A 460 -6.52 -0.42 -5.48
CA PRO A 460 -7.15 -1.62 -4.92
C PRO A 460 -7.81 -2.58 -5.89
N VAL A 461 -7.54 -3.87 -5.68
CA VAL A 461 -8.10 -4.95 -6.48
C VAL A 461 -8.44 -6.11 -5.54
N GLU A 462 -9.72 -6.24 -5.19
CA GLU A 462 -10.21 -7.29 -4.27
C GLU A 462 -10.46 -8.67 -4.88
N MET A 463 -10.16 -9.73 -4.12
CA MET A 463 -10.38 -11.11 -4.55
C MET A 463 -11.83 -11.51 -4.26
N LEU A 464 -12.48 -12.12 -5.24
CA LEU A 464 -13.88 -12.52 -5.10
C LEU A 464 -14.19 -13.98 -5.30
N HIS A 465 -14.69 -14.65 -4.27
CA HIS A 465 -15.00 -16.05 -4.47
C HIS A 465 -16.22 -16.21 -5.36
N LEU A 466 -16.04 -16.95 -6.44
CA LEU A 466 -17.07 -17.26 -7.43
C LEU A 466 -16.61 -18.62 -7.98
N GLY A 467 -16.37 -19.56 -7.07
CA GLY A 467 -15.89 -20.86 -7.45
C GLY A 467 -14.42 -20.81 -7.13
N ILE A 468 -13.73 -19.85 -7.75
CA ILE A 468 -12.30 -19.64 -7.52
C ILE A 468 -12.11 -18.16 -7.37
N LEU A 469 -11.23 -17.76 -6.48
CA LEU A 469 -10.98 -16.34 -6.32
C LEU A 469 -10.58 -15.75 -7.68
N VAL A 470 -11.39 -14.82 -8.13
CA VAL A 470 -11.18 -14.11 -9.37
C VAL A 470 -11.16 -12.67 -8.87
N PRO A 471 -10.58 -11.73 -9.64
CA PRO A 471 -10.53 -10.34 -9.14
C PRO A 471 -11.76 -9.43 -9.36
N SER A 472 -11.94 -8.52 -8.40
CA SER A 472 -13.04 -7.58 -8.44
C SER A 472 -13.14 -6.83 -9.76
N ARG A 473 -12.01 -6.39 -10.30
CA ARG A 473 -12.01 -5.65 -11.56
C ARG A 473 -11.02 -6.16 -12.57
N GLU A 474 -10.95 -5.48 -13.72
CA GLU A 474 -10.02 -5.83 -14.79
C GLU A 474 -8.63 -5.62 -14.20
N LEU A 475 -7.77 -6.61 -14.39
CA LEU A 475 -6.42 -6.57 -13.85
C LEU A 475 -5.62 -5.44 -14.45
N PRO A 476 -5.11 -4.53 -13.61
CA PRO A 476 -4.31 -3.36 -13.98
C PRO A 476 -2.83 -3.73 -14.23
N ILE A 477 -2.61 -4.51 -15.28
CA ILE A 477 -1.27 -4.94 -15.61
C ILE A 477 -1.03 -4.68 -17.09
N ALA A 478 0.15 -4.15 -17.39
CA ALA A 478 0.49 -3.82 -18.77
C ALA A 478 1.59 -4.71 -19.33
N PHE A 479 1.46 -5.06 -20.60
CA PHE A 479 2.45 -5.89 -21.28
C PHE A 479 3.29 -5.09 -22.30
N ARG A 480 4.40 -4.50 -21.84
CA ARG A 480 5.28 -3.75 -22.72
C ARG A 480 6.40 -4.64 -23.24
N PRO A 481 6.63 -4.63 -24.57
CA PRO A 481 7.67 -5.44 -25.20
C PRO A 481 9.08 -5.05 -24.83
N ARG A 482 10.06 -5.80 -25.35
CA ARG A 482 11.46 -5.54 -25.07
C ARG A 482 12.21 -5.19 -26.35
N ARG B 21 25.71 8.73 35.77
CA ARG B 21 24.60 8.66 36.78
C ARG B 21 23.29 8.29 36.13
N ASN B 22 22.18 8.75 36.70
CA ASN B 22 20.89 8.40 36.13
C ASN B 22 19.71 9.33 36.43
N VAL B 23 18.78 9.30 35.48
CA VAL B 23 17.55 10.07 35.45
C VAL B 23 17.12 10.87 36.67
N THR B 24 16.58 10.18 37.67
CA THR B 24 16.11 10.83 38.90
C THR B 24 17.04 11.93 39.38
N ASP B 25 18.29 11.91 38.94
CA ASP B 25 19.22 12.95 39.37
C ASP B 25 19.27 14.13 38.42
N LEU B 26 18.51 14.05 37.32
CA LEU B 26 18.45 15.15 36.37
C LEU B 26 17.87 16.35 37.12
N PRO B 27 18.46 17.54 36.97
CA PRO B 27 17.94 18.74 37.66
C PRO B 27 16.56 19.12 37.11
N GLY B 28 15.91 20.08 37.75
CA GLY B 28 14.60 20.48 37.26
C GLY B 28 13.85 21.46 38.13
N PRO B 29 12.59 21.74 37.79
CA PRO B 29 11.77 22.67 38.58
C PRO B 29 11.12 21.92 39.75
N THR B 30 11.04 22.59 40.90
CA THR B 30 10.43 22.00 42.08
C THR B 30 9.05 21.50 41.72
N ASN B 31 8.78 20.26 42.08
CA ASN B 31 7.50 19.65 41.78
C ASN B 31 6.45 19.91 42.84
N TRP B 32 5.21 19.85 42.38
CA TRP B 32 4.05 20.02 43.23
C TRP B 32 3.47 18.61 43.19
N PRO B 33 2.95 18.12 44.32
CA PRO B 33 2.41 16.75 44.24
C PRO B 33 1.23 16.68 43.27
N LEU B 34 1.24 15.66 42.42
CA LEU B 34 0.18 15.45 41.43
C LEU B 34 0.23 16.49 40.33
N LEU B 35 0.51 17.72 40.74
CA LEU B 35 0.57 18.86 39.84
C LEU B 35 1.81 18.88 38.95
N GLY B 36 2.94 18.46 39.49
CA GLY B 36 4.16 18.49 38.73
C GLY B 36 4.59 19.93 38.77
N SER B 37 5.60 20.31 38.01
CA SER B 37 6.02 21.70 38.00
C SER B 37 5.07 22.50 37.12
N LEU B 38 3.91 21.89 36.82
CA LEU B 38 2.88 22.51 35.99
C LEU B 38 2.27 23.75 36.61
N LEU B 39 2.85 24.21 37.71
CA LEU B 39 2.34 25.41 38.35
C LEU B 39 2.90 26.63 37.63
N GLU B 40 4.08 27.07 38.07
CA GLU B 40 4.79 28.23 37.52
C GLU B 40 4.62 28.42 36.03
N ILE B 41 4.74 27.34 35.27
CA ILE B 41 4.57 27.37 33.82
C ILE B 41 3.38 28.27 33.45
N PHE B 42 2.44 28.44 34.39
CA PHE B 42 1.27 29.27 34.15
C PHE B 42 1.29 30.58 34.92
N TRP B 43 2.05 30.63 36.01
CA TRP B 43 2.15 31.87 36.76
C TRP B 43 3.07 32.81 35.98
N LYS B 44 4.05 32.23 35.28
CA LYS B 44 5.00 33.03 34.52
C LYS B 44 4.85 32.93 33.01
N GLY B 45 3.62 32.82 32.52
CA GLY B 45 3.44 32.75 31.09
C GLY B 45 2.45 31.75 30.52
N GLY B 46 2.73 30.46 30.65
CA GLY B 46 1.80 29.48 30.11
C GLY B 46 2.26 29.08 28.73
N LEU B 47 1.46 28.25 28.05
CA LEU B 47 1.81 27.79 26.72
C LEU B 47 2.28 28.88 25.77
N LYS B 48 1.64 30.04 25.81
CA LYS B 48 2.01 31.13 24.92
C LYS B 48 3.39 31.69 25.20
N LYS B 49 3.94 31.38 26.37
CA LYS B 49 5.27 31.86 26.74
C LYS B 49 6.16 30.69 27.07
N GLN B 50 5.84 29.53 26.53
CA GLN B 50 6.60 28.30 26.75
C GLN B 50 8.09 28.43 26.41
N HIS B 51 8.41 29.11 25.32
CA HIS B 51 9.80 29.26 24.95
C HIS B 51 10.60 30.04 26.00
N ASP B 52 10.07 31.20 26.42
CA ASP B 52 10.74 32.04 27.41
C ASP B 52 11.08 31.35 28.74
N THR B 53 10.34 30.31 29.07
CA THR B 53 10.56 29.61 30.33
C THR B 53 11.56 28.46 30.16
N LEU B 54 11.35 27.63 29.14
CA LEU B 54 12.26 26.52 28.87
C LEU B 54 13.65 27.11 28.73
N ALA B 55 13.71 28.27 28.08
CA ALA B 55 14.95 28.98 27.85
C ALA B 55 15.65 29.31 29.15
N GLU B 56 14.93 29.94 30.06
CA GLU B 56 15.55 30.31 31.34
C GLU B 56 15.78 29.08 32.20
N TYR B 57 14.94 28.06 32.05
CA TYR B 57 15.12 26.83 32.81
C TYR B 57 16.51 26.32 32.49
N HIS B 58 16.81 26.28 31.21
CA HIS B 58 18.11 25.82 30.71
C HIS B 58 19.23 26.65 31.32
N LYS B 59 19.02 27.96 31.33
CA LYS B 59 20.00 28.90 31.88
C LYS B 59 20.05 28.77 33.38
N LYS B 60 19.32 27.82 33.93
CA LYS B 60 19.29 27.65 35.37
C LYS B 60 19.79 26.27 35.81
N TYR B 61 19.24 25.23 35.18
CA TYR B 61 19.62 23.86 35.52
C TYR B 61 20.66 23.31 34.57
N GLY B 62 20.82 23.95 33.41
CA GLY B 62 21.82 23.50 32.46
C GLY B 62 21.31 23.03 31.11
N GLN B 63 22.20 22.42 30.36
CA GLN B 63 21.86 21.94 29.03
C GLN B 63 20.80 20.86 29.05
N ILE B 64 20.81 20.03 30.09
CA ILE B 64 19.79 18.98 30.19
C ILE B 64 19.12 19.01 31.53
N PHE B 65 17.82 18.76 31.52
CA PHE B 65 17.05 18.75 32.75
C PHE B 65 15.74 18.00 32.54
N ARG B 66 14.99 17.89 33.63
CA ARG B 66 13.72 17.18 33.59
C ARG B 66 12.62 18.10 34.12
N MET B 67 11.46 18.04 33.47
CA MET B 67 10.33 18.84 33.87
C MET B 67 9.08 18.00 33.66
N LYS B 68 8.21 18.02 34.67
CA LYS B 68 6.97 17.26 34.64
C LYS B 68 5.79 18.19 34.87
N LEU B 69 4.76 18.00 34.08
CA LEU B 69 3.55 18.79 34.23
C LEU B 69 2.42 17.81 34.03
N GLY B 70 1.86 17.38 35.15
CA GLY B 70 0.80 16.39 35.07
C GLY B 70 1.49 15.08 34.82
N SER B 71 0.79 14.16 34.15
CA SER B 71 1.34 12.86 33.85
C SER B 71 2.31 13.01 32.71
N PHE B 72 2.55 14.24 32.30
CA PHE B 72 3.45 14.49 31.20
C PHE B 72 4.88 14.68 31.67
N ASP B 73 5.75 13.79 31.21
CA ASP B 73 7.15 13.82 31.58
C ASP B 73 8.04 13.81 30.34
N SER B 74 9.01 14.72 30.33
CA SER B 74 9.93 14.80 29.21
C SER B 74 11.26 15.37 29.65
N VAL B 75 12.32 15.02 28.92
CA VAL B 75 13.65 15.56 29.23
C VAL B 75 13.98 16.59 28.15
N HIS B 76 14.45 17.76 28.60
CA HIS B 76 14.79 18.87 27.70
C HIS B 76 16.27 18.97 27.36
N LEU B 77 16.58 18.80 26.08
CA LEU B 77 17.95 18.91 25.57
C LEU B 77 18.21 20.26 24.93
N GLY B 78 19.06 21.06 25.54
CA GLY B 78 19.35 22.36 24.96
C GLY B 78 20.83 22.64 24.70
N SER B 79 21.49 21.78 23.93
CA SER B 79 22.90 21.96 23.63
C SER B 79 23.34 21.17 22.40
N PRO B 80 24.29 21.73 21.62
CA PRO B 80 24.78 21.06 20.42
C PRO B 80 25.36 19.72 20.82
N SER B 81 26.02 19.74 21.98
CA SER B 81 26.65 18.58 22.59
C SER B 81 25.72 17.38 22.59
N LEU B 82 24.65 17.48 23.40
CA LEU B 82 23.61 16.46 23.54
C LEU B 82 22.93 16.14 22.22
N LEU B 83 22.54 17.19 21.52
CA LEU B 83 21.87 17.03 20.23
C LEU B 83 22.64 16.16 19.25
N GLU B 84 23.96 16.35 19.13
CA GLU B 84 24.69 15.53 18.19
C GLU B 84 24.76 14.09 18.69
N ALA B 85 24.99 13.93 19.99
CA ALA B 85 25.02 12.62 20.63
C ALA B 85 23.77 11.88 20.20
N LEU B 86 22.63 12.40 20.65
CA LEU B 86 21.33 11.84 20.33
C LEU B 86 21.21 11.58 18.84
N TYR B 87 21.85 12.41 18.02
CA TYR B 87 21.79 12.22 16.57
C TYR B 87 22.64 11.05 16.11
N ARG B 88 23.84 10.97 16.67
CA ARG B 88 24.74 9.88 16.34
C ARG B 88 23.93 8.59 16.49
N THR B 89 23.55 8.26 17.74
CA THR B 89 22.74 7.07 18.01
C THR B 89 21.29 7.40 17.70
N GLU B 90 20.70 6.69 16.76
CA GLU B 90 19.35 7.03 16.43
C GLU B 90 18.75 5.97 15.56
N SER B 91 17.57 5.52 15.96
CA SER B 91 16.78 4.50 15.28
C SER B 91 17.05 4.32 13.79
N ALA B 92 16.03 4.61 12.99
CA ALA B 92 16.08 4.50 11.54
C ALA B 92 14.76 5.08 11.10
N HIS B 93 13.83 5.11 12.06
CA HIS B 93 12.49 5.65 11.88
C HIS B 93 12.20 6.30 13.22
N PRO B 94 12.87 7.41 13.54
CA PRO B 94 12.56 8.00 14.85
C PRO B 94 11.11 8.45 14.94
N GLN B 95 10.72 8.99 16.09
CA GLN B 95 9.36 9.44 16.24
C GLN B 95 9.23 10.70 17.10
N ARG B 96 8.27 11.52 16.72
CA ARG B 96 7.95 12.77 17.42
C ARG B 96 6.82 12.36 18.41
N LEU B 97 6.36 13.30 19.24
CA LEU B 97 5.25 12.98 20.13
C LEU B 97 4.11 12.64 19.14
N GLU B 98 3.28 11.67 19.48
CA GLU B 98 2.18 11.29 18.59
C GLU B 98 1.05 12.31 18.66
N ILE B 99 0.25 12.38 17.59
CA ILE B 99 -0.89 13.30 17.56
C ILE B 99 -2.14 12.46 17.19
N LYS B 100 -2.85 12.00 18.21
CA LYS B 100 -4.02 11.14 18.00
C LYS B 100 -5.23 11.75 17.28
N PRO B 101 -5.56 13.02 17.56
CA PRO B 101 -6.71 13.59 16.84
C PRO B 101 -6.52 13.37 15.34
N TRP B 102 -5.29 13.57 14.87
CA TRP B 102 -4.99 13.38 13.46
C TRP B 102 -5.15 11.92 13.15
N LYS B 103 -4.50 11.06 13.92
CA LYS B 103 -4.61 9.61 13.69
C LYS B 103 -6.06 9.14 13.77
N ALA B 104 -6.80 9.71 14.74
CA ALA B 104 -8.20 9.40 14.95
C ALA B 104 -9.01 9.55 13.67
N TYR B 105 -9.24 10.79 13.27
CA TYR B 105 -9.99 11.06 12.05
C TYR B 105 -9.67 10.10 10.90
N ARG B 106 -8.38 9.83 10.67
CA ARG B 106 -7.97 8.97 9.55
C ARG B 106 -8.56 7.57 9.59
N ASP B 107 -8.39 6.89 10.72
CA ASP B 107 -8.91 5.54 10.89
C ASP B 107 -10.42 5.57 10.73
N HIS B 108 -11.04 6.56 11.36
CA HIS B 108 -12.47 6.74 11.27
C HIS B 108 -12.82 6.84 9.78
N ARG B 109 -12.59 8.02 9.16
CA ARG B 109 -12.93 8.16 7.74
C ARG B 109 -12.18 7.19 6.82
N ASN B 110 -11.23 6.47 7.41
CA ASN B 110 -10.45 5.47 6.69
C ASN B 110 -9.53 6.06 5.62
N GLU B 111 -8.81 7.13 5.97
CA GLU B 111 -7.88 7.77 5.04
C GLU B 111 -6.48 7.38 5.51
N ALA B 112 -5.51 7.26 4.60
CA ALA B 112 -4.13 6.88 4.95
C ALA B 112 -3.49 7.89 5.88
N TYR B 113 -2.32 7.55 6.43
CA TYR B 113 -1.62 8.46 7.34
C TYR B 113 -0.59 9.26 6.53
N GLY B 114 -0.27 10.47 6.99
CA GLY B 114 0.70 11.30 6.32
C GLY B 114 2.08 11.13 6.92
N LEU B 115 2.96 12.11 6.75
CA LEU B 115 4.31 12.02 7.29
C LEU B 115 4.40 12.60 8.70
N MET B 116 3.29 13.08 9.21
CA MET B 116 3.28 13.64 10.55
C MET B 116 2.82 12.56 11.52
N ILE B 117 2.13 11.56 10.99
CA ILE B 117 1.61 10.48 11.81
C ILE B 117 2.12 9.10 11.46
N LEU B 118 2.59 8.92 10.23
CA LEU B 118 3.16 7.64 9.76
C LEU B 118 4.29 7.22 10.73
N GLU B 119 4.60 5.94 10.82
CA GLU B 119 5.65 5.48 11.74
C GLU B 119 6.46 4.32 11.16
N GLY B 120 7.57 4.03 11.82
CA GLY B 120 8.43 2.94 11.41
C GLY B 120 8.53 2.68 9.91
N GLN B 121 8.54 1.41 9.53
CA GLN B 121 8.68 1.05 8.13
C GLN B 121 7.68 1.67 7.16
N GLU B 122 6.48 1.99 7.64
CA GLU B 122 5.46 2.58 6.77
C GLU B 122 5.88 3.99 6.41
N TRP B 123 6.35 4.73 7.40
CA TRP B 123 6.83 6.07 7.19
C TRP B 123 8.02 6.03 6.25
N GLN B 124 8.98 5.18 6.58
CA GLN B 124 10.17 5.02 5.80
C GLN B 124 9.81 4.94 4.33
N ARG B 125 8.96 3.99 3.96
CA ARG B 125 8.58 3.83 2.56
C ARG B 125 8.07 5.09 1.84
N VAL B 126 7.52 6.05 2.58
CA VAL B 126 7.01 7.26 1.97
C VAL B 126 8.09 8.33 1.92
N ARG B 127 8.64 8.68 3.08
CA ARG B 127 9.74 9.66 3.13
C ARG B 127 10.68 9.34 1.96
N SER B 128 11.19 8.12 1.97
CA SER B 128 12.09 7.64 0.93
C SER B 128 11.47 7.80 -0.46
N ALA B 129 10.15 7.84 -0.53
CA ALA B 129 9.48 7.97 -1.82
C ALA B 129 9.45 9.42 -2.29
N PHE B 130 9.28 10.34 -1.36
CA PHE B 130 9.23 11.76 -1.70
C PHE B 130 10.66 12.24 -1.70
N GLN B 131 11.23 12.35 -0.50
CA GLN B 131 12.63 12.75 -0.30
C GLN B 131 13.37 13.12 -1.58
N LYS B 132 13.60 12.10 -2.41
CA LYS B 132 14.29 12.24 -3.68
C LYS B 132 13.50 13.07 -4.68
N LYS B 133 12.86 14.13 -4.20
CA LYS B 133 12.06 14.96 -5.07
C LYS B 133 11.99 16.36 -4.48
N LEU B 134 12.15 16.45 -3.17
CA LEU B 134 12.08 17.74 -2.49
C LEU B 134 13.43 18.03 -1.89
N MET B 135 14.33 17.08 -2.06
CA MET B 135 15.69 17.20 -1.55
C MET B 135 16.66 17.28 -2.73
N LYS B 136 16.38 16.52 -3.78
CA LYS B 136 17.23 16.57 -4.96
C LYS B 136 17.20 18.02 -5.46
N PRO B 137 18.32 18.76 -5.29
CA PRO B 137 18.44 20.17 -5.72
C PRO B 137 18.01 20.33 -7.17
N VAL B 138 18.45 19.38 -8.00
CA VAL B 138 18.12 19.37 -9.41
C VAL B 138 16.60 19.54 -9.56
N GLU B 139 15.85 18.69 -8.86
CA GLU B 139 14.38 18.69 -8.87
C GLU B 139 13.80 20.01 -8.40
N ILE B 140 14.24 20.45 -7.23
CA ILE B 140 13.77 21.71 -6.66
C ILE B 140 14.02 22.87 -7.61
N MET B 141 15.21 22.87 -8.23
CA MET B 141 15.60 23.92 -9.16
C MET B 141 14.61 24.20 -10.28
N LYS B 142 13.77 23.24 -10.64
CA LYS B 142 12.81 23.47 -11.70
C LYS B 142 11.52 24.13 -11.24
N LEU B 143 11.30 24.20 -9.92
CA LEU B 143 10.10 24.83 -9.39
C LEU B 143 10.29 26.35 -9.48
N ASP B 144 11.51 26.73 -9.87
CA ASP B 144 11.92 28.12 -10.03
C ASP B 144 10.90 28.97 -10.81
N LYS B 145 10.63 28.58 -12.05
CA LYS B 145 9.66 29.28 -12.91
C LYS B 145 8.37 29.51 -12.15
N LYS B 146 7.82 28.41 -11.62
CA LYS B 146 6.59 28.41 -10.85
C LYS B 146 6.61 29.44 -9.71
N ILE B 147 7.57 29.30 -8.80
CA ILE B 147 7.68 30.21 -7.67
C ILE B 147 7.59 31.67 -8.08
N ASN B 148 8.39 32.04 -9.09
CA ASN B 148 8.44 33.43 -9.58
C ASN B 148 7.10 33.86 -10.13
N GLU B 149 6.39 32.94 -10.81
CA GLU B 149 5.07 33.24 -11.37
C GLU B 149 4.14 33.78 -10.27
N VAL B 150 4.27 33.23 -9.06
CA VAL B 150 3.45 33.62 -7.92
C VAL B 150 3.99 34.84 -7.17
N LEU B 151 5.31 34.96 -7.07
CA LEU B 151 5.94 36.10 -6.37
C LEU B 151 5.55 37.42 -7.04
N ALA B 152 5.35 37.32 -8.35
CA ALA B 152 4.93 38.42 -9.20
C ALA B 152 3.69 39.10 -8.61
N ASP B 153 2.52 38.53 -8.94
CA ASP B 153 1.21 39.00 -8.50
C ASP B 153 1.13 39.38 -7.02
N PHE B 154 1.74 38.60 -6.16
CA PHE B 154 1.74 38.93 -4.74
C PHE B 154 2.45 40.27 -4.60
N LEU B 155 3.46 40.50 -5.45
CA LEU B 155 4.23 41.74 -5.38
C LEU B 155 3.36 42.96 -5.68
N GLU B 156 2.76 42.99 -6.87
CA GLU B 156 1.89 44.09 -7.23
C GLU B 156 0.87 44.25 -6.11
N ARG B 157 0.28 43.12 -5.70
CA ARG B 157 -0.69 43.10 -4.63
C ARG B 157 -0.21 43.87 -3.40
N MET B 158 1.11 43.96 -3.24
CA MET B 158 1.71 44.66 -2.11
C MET B 158 1.16 46.08 -2.02
N ASP B 159 0.88 46.65 -3.18
CA ASP B 159 0.36 48.00 -3.24
C ASP B 159 -1.13 48.03 -3.01
N GLU B 160 -1.84 47.01 -3.49
CA GLU B 160 -3.29 46.90 -3.31
C GLU B 160 -3.63 47.28 -1.88
N LEU B 161 -2.70 47.00 -0.98
CA LEU B 161 -2.87 47.30 0.43
C LEU B 161 -1.55 47.80 1.00
N CYS B 162 -0.96 48.80 0.36
CA CYS B 162 0.32 49.35 0.80
C CYS B 162 0.16 50.55 1.73
N ASP B 163 -0.98 50.62 2.43
CA ASP B 163 -1.24 51.71 3.36
C ASP B 163 -0.95 53.00 2.61
N GLU B 164 -0.21 53.90 3.25
CA GLU B 164 0.18 55.17 2.64
C GLU B 164 1.52 55.55 3.24
N ARG B 165 1.71 55.13 4.48
CA ARG B 165 2.94 55.38 5.20
C ARG B 165 3.87 54.22 4.90
N GLY B 166 3.34 53.21 4.21
CA GLY B 166 4.14 52.07 3.86
C GLY B 166 3.75 50.76 4.53
N ARG B 167 2.69 50.77 5.34
CA ARG B 167 2.25 49.55 6.03
C ARG B 167 1.27 48.75 5.16
N ILE B 168 0.58 47.77 5.72
CA ILE B 168 -0.34 46.97 4.91
C ILE B 168 -1.83 46.96 5.23
N PRO B 169 -2.27 46.35 6.35
CA PRO B 169 -1.65 45.62 7.45
C PRO B 169 -1.98 44.14 7.34
N ASP B 170 -2.37 43.54 8.47
CA ASP B 170 -2.68 42.12 8.51
C ASP B 170 -1.58 41.42 7.73
N LEU B 171 -0.37 41.90 7.95
CA LEU B 171 0.82 41.40 7.28
C LEU B 171 0.95 39.90 7.37
N TYR B 172 0.84 39.36 8.57
CA TYR B 172 0.96 37.92 8.76
C TYR B 172 -0.07 37.18 7.92
N SER B 173 -1.25 37.76 7.74
CA SER B 173 -2.26 37.11 6.94
C SER B 173 -1.93 37.30 5.47
N GLU B 174 -1.19 38.36 5.17
CA GLU B 174 -0.80 38.66 3.80
C GLU B 174 0.31 37.72 3.33
N LEU B 175 1.35 37.55 4.14
CA LEU B 175 2.45 36.65 3.78
C LEU B 175 1.90 35.22 3.65
N ASN B 176 1.09 34.83 4.62
CA ASN B 176 0.50 33.49 4.62
C ASN B 176 -0.19 33.20 3.30
N LYS B 177 -0.96 34.16 2.79
CA LYS B 177 -1.64 33.95 1.52
C LYS B 177 -0.62 33.59 0.45
N TRP B 178 0.53 34.27 0.46
CA TRP B 178 1.55 34.01 -0.53
C TRP B 178 2.00 32.56 -0.43
N SER B 179 2.45 32.18 0.77
CA SER B 179 2.90 30.80 1.06
C SER B 179 1.85 29.85 0.48
N PHE B 180 0.62 30.05 0.94
CA PHE B 180 -0.49 29.23 0.49
C PHE B 180 -0.53 29.17 -1.03
N GLU B 181 -0.63 30.32 -1.68
CA GLU B 181 -0.70 30.36 -3.14
C GLU B 181 0.54 29.69 -3.75
N SER B 182 1.68 29.89 -3.12
CA SER B 182 2.92 29.31 -3.63
C SER B 182 3.02 27.78 -3.54
N ILE B 183 2.79 27.22 -2.36
CA ILE B 183 2.88 25.77 -2.17
C ILE B 183 1.82 25.02 -2.99
N CYS B 184 0.61 25.56 -3.01
CA CYS B 184 -0.48 24.96 -3.76
C CYS B 184 -0.16 24.85 -5.23
N LEU B 185 0.57 25.86 -5.72
CA LEU B 185 0.98 25.94 -7.12
C LEU B 185 1.93 24.78 -7.37
N VAL B 186 2.89 24.61 -6.48
CA VAL B 186 3.85 23.51 -6.60
C VAL B 186 3.18 22.16 -6.48
N LEU B 187 2.62 21.90 -5.30
CA LEU B 187 1.94 20.63 -4.99
C LEU B 187 0.87 20.21 -6.01
N TYR B 188 -0.07 21.11 -6.30
CA TYR B 188 -1.17 20.81 -7.22
C TYR B 188 -1.11 21.31 -8.69
N GLU B 189 -0.22 22.26 -8.92
CA GLU B 189 -0.04 22.86 -10.25
C GLU B 189 -1.34 23.49 -10.69
N LYS B 190 -1.96 24.23 -9.76
CA LYS B 190 -3.20 24.92 -10.00
C LYS B 190 -3.22 26.06 -8.99
N ARG B 191 -3.74 27.21 -9.38
CA ARG B 191 -3.80 28.35 -8.47
C ARG B 191 -5.26 28.62 -8.09
N PHE B 192 -5.48 28.99 -6.83
CA PHE B 192 -6.85 29.32 -6.41
C PHE B 192 -6.77 30.80 -6.11
N GLY B 193 -6.76 31.63 -7.14
CA GLY B 193 -6.67 33.07 -6.96
C GLY B 193 -6.78 33.53 -5.52
N LEU B 194 -5.72 33.36 -4.74
CA LEU B 194 -5.76 33.77 -3.34
C LEU B 194 -5.14 35.15 -3.21
N LEU B 195 -4.26 35.47 -4.14
CA LEU B 195 -3.58 36.77 -4.13
C LEU B 195 -4.47 37.81 -4.79
N GLN B 196 -4.23 38.06 -6.07
CA GLN B 196 -4.99 39.04 -6.84
C GLN B 196 -6.41 39.20 -6.31
N LYS B 197 -6.75 40.45 -5.96
CA LYS B 197 -8.05 40.84 -5.41
C LYS B 197 -9.23 39.89 -5.64
N GLU B 198 -10.31 40.13 -4.89
CA GLU B 198 -11.52 39.32 -4.93
C GLU B 198 -11.25 38.19 -3.96
N THR B 199 -10.03 37.66 -4.07
CA THR B 199 -9.56 36.54 -3.25
C THR B 199 -10.50 35.35 -3.45
N GLU B 200 -10.63 34.93 -4.71
CA GLU B 200 -11.48 33.82 -5.10
C GLU B 200 -12.16 33.15 -3.92
N GLU B 201 -13.48 33.29 -3.85
CA GLU B 201 -14.23 32.68 -2.76
C GLU B 201 -14.07 31.17 -2.93
N GLU B 202 -13.54 30.79 -4.09
CA GLU B 202 -13.30 29.38 -4.40
C GLU B 202 -12.08 28.92 -3.61
N ALA B 203 -12.07 29.22 -2.31
CA ALA B 203 -10.96 28.84 -1.45
C ALA B 203 -11.24 29.29 -0.02
N LEU B 204 -12.35 29.97 0.17
CA LEU B 204 -12.73 30.44 1.50
C LEU B 204 -13.16 29.21 2.29
N THR B 205 -13.99 28.39 1.67
CA THR B 205 -14.46 27.17 2.29
C THR B 205 -13.23 26.37 2.77
N PHE B 206 -12.29 26.19 1.84
CA PHE B 206 -11.07 25.45 2.12
C PHE B 206 -10.16 26.10 3.17
N ILE B 207 -9.77 27.36 2.97
CA ILE B 207 -8.89 28.04 3.94
C ILE B 207 -9.51 28.04 5.33
N THR B 208 -10.82 28.19 5.37
CA THR B 208 -11.54 28.20 6.63
C THR B 208 -11.51 26.84 7.31
N ALA B 209 -11.84 25.81 6.56
CA ALA B 209 -11.84 24.45 7.09
C ALA B 209 -10.55 24.21 7.86
N ILE B 210 -9.44 24.65 7.27
CA ILE B 210 -8.13 24.51 7.87
C ILE B 210 -8.00 25.31 9.16
N LYS B 211 -8.38 26.58 9.12
CA LYS B 211 -8.29 27.39 10.32
C LYS B 211 -9.18 26.79 11.39
N THR B 212 -10.30 26.20 10.96
CA THR B 212 -11.24 25.57 11.89
C THR B 212 -10.52 24.42 12.58
N MET B 213 -10.28 23.34 11.82
CA MET B 213 -9.61 22.16 12.35
C MET B 213 -8.39 22.58 13.16
N MET B 214 -7.75 23.67 12.78
CA MET B 214 -6.59 24.13 13.53
C MET B 214 -6.97 24.43 14.99
N SER B 215 -8.02 25.23 15.19
CA SER B 215 -8.46 25.55 16.54
C SER B 215 -8.96 24.30 17.25
N THR B 216 -9.94 23.62 16.64
CA THR B 216 -10.54 22.40 17.20
C THR B 216 -9.52 21.31 17.60
N PHE B 217 -8.79 20.76 16.63
CA PHE B 217 -7.80 19.71 16.90
C PHE B 217 -6.90 19.99 18.09
N GLY B 218 -6.38 21.21 18.16
CA GLY B 218 -5.50 21.59 19.24
C GLY B 218 -6.02 21.15 20.59
N LYS B 219 -7.30 21.46 20.85
CA LYS B 219 -7.92 21.11 22.13
C LYS B 219 -7.83 19.63 22.50
N MET B 220 -8.31 18.75 21.62
CA MET B 220 -8.28 17.32 21.88
C MET B 220 -6.86 16.75 21.99
N MET B 221 -5.93 17.55 22.49
CA MET B 221 -4.54 17.10 22.64
C MET B 221 -4.19 17.31 24.09
N VAL B 222 -5.14 17.02 24.96
CA VAL B 222 -4.99 17.14 26.40
C VAL B 222 -6.21 16.38 26.92
N THR B 223 -7.37 16.82 26.44
CA THR B 223 -8.63 16.20 26.78
C THR B 223 -8.73 15.07 25.78
N PRO B 224 -8.84 13.83 26.26
CA PRO B 224 -8.93 12.66 25.40
C PRO B 224 -9.82 12.85 24.18
N VAL B 225 -9.29 12.52 23.01
CA VAL B 225 -10.05 12.63 21.79
C VAL B 225 -10.92 11.40 21.83
N GLU B 226 -10.38 10.35 22.45
CA GLU B 226 -11.07 9.08 22.59
C GLU B 226 -12.46 9.25 23.19
N LEU B 227 -12.61 10.19 24.11
CA LEU B 227 -13.92 10.43 24.70
C LEU B 227 -14.72 11.24 23.70
N HIS B 228 -14.07 12.21 23.07
CA HIS B 228 -14.73 13.03 22.08
C HIS B 228 -15.35 12.14 21.00
N LYS B 229 -14.89 10.90 20.89
CA LYS B 229 -15.40 9.97 19.87
C LYS B 229 -16.70 9.27 20.26
N ARG B 230 -16.68 8.56 21.39
CA ARG B 230 -17.88 7.87 21.86
C ARG B 230 -18.89 8.92 22.34
N LEU B 231 -18.46 9.77 23.27
CA LEU B 231 -19.31 10.84 23.80
C LEU B 231 -19.70 11.75 22.62
N ASN B 232 -19.09 11.48 21.47
CA ASN B 232 -19.32 12.20 20.23
C ASN B 232 -19.61 13.69 20.46
N THR B 233 -18.73 14.33 21.23
CA THR B 233 -18.84 15.74 21.57
C THR B 233 -19.25 16.65 20.42
N LYS B 234 -18.76 17.88 20.42
CA LYS B 234 -19.07 18.83 19.35
C LYS B 234 -17.78 19.21 18.66
N VAL B 235 -16.69 19.21 19.42
CA VAL B 235 -15.39 19.54 18.86
C VAL B 235 -14.96 18.42 17.91
N TRP B 236 -15.30 17.19 18.26
CA TRP B 236 -14.98 16.03 17.43
C TRP B 236 -15.71 16.17 16.11
N GLN B 237 -16.59 17.15 16.03
CA GLN B 237 -17.33 17.37 14.80
C GLN B 237 -16.72 18.63 14.17
N ALA B 238 -16.35 19.58 15.02
CA ALA B 238 -15.72 20.82 14.58
C ALA B 238 -14.37 20.42 13.96
N HIS B 239 -14.08 19.14 14.09
CA HIS B 239 -12.85 18.59 13.60
C HIS B 239 -13.07 17.58 12.49
N THR B 240 -14.14 16.80 12.59
CA THR B 240 -14.42 15.78 11.58
C THR B 240 -15.03 16.35 10.31
N LEU B 241 -15.65 17.52 10.39
CA LEU B 241 -16.24 18.11 9.20
C LEU B 241 -15.12 18.88 8.52
N ALA B 242 -14.14 19.31 9.30
CA ALA B 242 -12.99 20.05 8.80
C ALA B 242 -12.27 19.17 7.78
N TRP B 243 -11.58 18.16 8.28
CA TRP B 243 -10.86 17.26 7.40
C TRP B 243 -11.75 16.64 6.36
N ASP B 244 -12.99 16.35 6.76
CA ASP B 244 -13.96 15.76 5.83
C ASP B 244 -13.94 16.64 4.60
N THR B 245 -13.85 17.95 4.86
CA THR B 245 -13.81 19.00 3.86
C THR B 245 -12.50 19.05 3.09
N ILE B 246 -11.40 19.34 3.81
CA ILE B 246 -10.09 19.43 3.17
C ILE B 246 -9.76 18.18 2.34
N PHE B 247 -9.98 16.98 2.88
CA PHE B 247 -9.72 15.74 2.15
C PHE B 247 -10.70 15.64 0.98
N LYS B 248 -11.58 16.63 0.88
CA LYS B 248 -12.56 16.65 -0.19
C LYS B 248 -12.09 17.62 -1.26
N SER B 249 -11.54 18.74 -0.79
CA SER B 249 -11.05 19.79 -1.65
C SER B 249 -9.74 19.42 -2.35
N VAL B 250 -8.87 18.77 -1.59
CA VAL B 250 -7.59 18.37 -2.13
C VAL B 250 -7.63 17.26 -3.17
N LYS B 251 -8.45 16.25 -2.92
CA LYS B 251 -8.52 15.10 -3.83
C LYS B 251 -8.63 15.35 -5.32
N PRO B 252 -9.63 16.13 -5.77
CA PRO B 252 -9.69 16.33 -7.22
C PRO B 252 -8.39 16.90 -7.82
N CYS B 253 -7.71 17.77 -7.07
CA CYS B 253 -6.45 18.34 -7.53
C CYS B 253 -5.40 17.26 -7.84
N ILE B 254 -5.04 16.49 -6.81
CA ILE B 254 -4.08 15.39 -6.91
C ILE B 254 -4.46 14.42 -8.03
N ASP B 255 -5.75 14.38 -8.37
CA ASP B 255 -6.24 13.49 -9.43
C ASP B 255 -6.03 14.01 -10.83
N ASN B 256 -6.08 15.32 -10.99
CA ASN B 256 -5.88 15.91 -12.30
C ASN B 256 -4.42 15.65 -12.67
N ARG B 257 -3.51 16.03 -11.78
CA ARG B 257 -2.09 15.83 -12.05
C ARG B 257 -1.84 14.42 -12.53
N LEU B 258 -2.37 13.45 -11.79
CA LEU B 258 -2.20 12.04 -12.15
C LEU B 258 -2.97 11.65 -13.40
N GLN B 259 -4.13 12.25 -13.64
CA GLN B 259 -4.93 11.92 -14.80
C GLN B 259 -4.29 12.45 -16.10
N ARG B 260 -3.62 13.59 -16.01
CA ARG B 260 -2.96 14.21 -17.16
C ARG B 260 -1.59 13.62 -17.49
N TYR B 261 -0.54 14.25 -16.98
CA TYR B 261 0.85 13.86 -17.20
C TYR B 261 1.14 12.43 -16.72
N SER B 262 0.40 11.45 -17.22
CA SER B 262 0.60 10.07 -16.78
C SER B 262 1.48 9.23 -17.72
N GLN B 263 0.98 8.96 -18.92
CA GLN B 263 1.72 8.15 -19.88
C GLN B 263 3.05 8.77 -20.31
N GLN B 264 3.38 9.93 -19.75
CA GLN B 264 4.62 10.60 -20.09
C GLN B 264 5.43 10.90 -18.82
N PRO B 265 6.45 10.06 -18.54
CA PRO B 265 7.33 10.15 -17.37
C PRO B 265 8.19 11.42 -17.29
N GLY B 266 8.66 11.70 -16.09
CA GLY B 266 9.50 12.86 -15.86
C GLY B 266 8.74 14.17 -15.91
N ALA B 267 7.69 14.21 -16.72
CA ALA B 267 6.87 15.40 -16.89
C ALA B 267 6.29 15.94 -15.58
N ASP B 268 6.11 15.07 -14.60
CA ASP B 268 5.52 15.47 -13.32
C ASP B 268 6.06 14.63 -12.16
N PHE B 269 6.50 15.30 -11.10
CA PHE B 269 7.06 14.62 -9.95
C PHE B 269 6.07 13.70 -9.19
N LEU B 270 4.78 14.03 -9.23
CA LEU B 270 3.75 13.24 -8.56
C LEU B 270 3.65 11.92 -9.27
N CYS B 271 3.37 12.00 -10.57
CA CYS B 271 3.24 10.82 -11.41
C CYS B 271 4.46 9.91 -11.39
N ASP B 272 5.59 10.42 -10.91
CA ASP B 272 6.77 9.59 -10.83
C ASP B 272 6.60 8.82 -9.53
N ILE B 273 6.54 9.56 -8.42
CA ILE B 273 6.33 8.94 -7.14
C ILE B 273 5.28 7.84 -7.29
N TYR B 274 4.23 8.14 -8.04
CA TYR B 274 3.16 7.20 -8.22
C TYR B 274 3.61 6.03 -9.08
N GLN B 275 3.74 6.25 -10.39
CA GLN B 275 4.14 5.17 -11.30
C GLN B 275 5.44 4.44 -10.97
N GLN B 276 6.31 5.05 -10.17
CA GLN B 276 7.59 4.43 -9.78
C GLN B 276 7.55 3.83 -8.37
N ASP B 277 7.57 4.68 -7.35
CA ASP B 277 7.54 4.22 -5.96
C ASP B 277 6.22 3.51 -5.59
N HIS B 278 5.49 3.06 -6.60
CA HIS B 278 4.22 2.35 -6.41
C HIS B 278 3.30 2.79 -5.25
N LEU B 279 3.09 4.10 -5.06
CA LEU B 279 2.16 4.57 -4.02
C LEU B 279 0.76 4.56 -4.65
N SER B 280 -0.26 4.74 -3.82
CA SER B 280 -1.66 4.73 -4.27
C SER B 280 -2.23 6.12 -4.03
N LYS B 281 -3.31 6.48 -4.76
CA LYS B 281 -3.90 7.82 -4.58
C LYS B 281 -4.14 8.12 -3.12
N LYS B 282 -4.79 7.17 -2.44
CA LYS B 282 -5.12 7.31 -1.03
C LYS B 282 -3.92 7.71 -0.20
N GLU B 283 -2.75 7.15 -0.50
CA GLU B 283 -1.52 7.45 0.24
C GLU B 283 -1.02 8.85 -0.05
N LEU B 284 -1.17 9.28 -1.30
CA LEU B 284 -0.75 10.61 -1.74
C LEU B 284 -1.63 11.66 -1.07
N TYR B 285 -2.95 11.48 -1.15
CA TYR B 285 -3.86 12.44 -0.48
C TYR B 285 -3.28 12.64 0.91
N ALA B 286 -3.05 11.54 1.61
CA ALA B 286 -2.50 11.60 2.97
C ALA B 286 -1.23 12.44 2.98
N ALA B 287 -0.21 11.93 2.30
CA ALA B 287 1.09 12.59 2.22
C ALA B 287 1.04 14.07 1.80
N VAL B 288 0.58 14.31 0.58
CA VAL B 288 0.48 15.67 0.06
C VAL B 288 -0.11 16.68 1.03
N THR B 289 -1.33 16.39 1.49
CA THR B 289 -2.05 17.24 2.43
C THR B 289 -1.21 17.58 3.64
N GLU B 290 -0.33 16.67 4.04
CA GLU B 290 0.54 16.94 5.19
C GLU B 290 1.59 17.95 4.73
N LEU B 291 2.05 17.81 3.49
CA LEU B 291 3.02 18.72 2.93
C LEU B 291 2.42 20.07 3.13
N GLN B 292 1.39 20.35 2.34
CA GLN B 292 0.71 21.65 2.41
C GLN B 292 0.50 22.17 3.85
N LEU B 293 -0.12 21.35 4.69
CA LEU B 293 -0.38 21.79 6.05
C LEU B 293 0.87 22.25 6.73
N ALA B 294 1.86 21.36 6.73
CA ALA B 294 3.14 21.64 7.39
C ALA B 294 3.93 22.75 6.73
N ALA B 295 3.75 22.88 5.42
CA ALA B 295 4.47 23.86 4.63
C ALA B 295 4.15 25.35 4.72
N VAL B 296 2.87 25.74 4.66
CA VAL B 296 2.59 27.17 4.62
C VAL B 296 2.90 28.05 5.81
N GLU B 297 1.98 28.18 6.75
CA GLU B 297 2.19 29.07 7.87
C GLU B 297 3.60 29.10 8.40
N THR B 298 4.33 28.01 8.33
CA THR B 298 5.68 28.02 8.86
C THR B 298 6.62 28.84 7.99
N THR B 299 6.54 28.66 6.67
CA THR B 299 7.37 29.45 5.75
C THR B 299 7.02 30.91 5.95
N ALA B 300 5.82 31.30 5.53
CA ALA B 300 5.33 32.66 5.68
C ALA B 300 5.86 33.28 6.96
N ASN B 301 5.70 32.55 8.05
CA ASN B 301 6.14 32.98 9.37
C ASN B 301 7.64 33.28 9.39
N SER B 302 8.44 32.45 8.72
CA SER B 302 9.90 32.64 8.67
C SER B 302 10.21 33.94 7.92
N LEU B 303 9.61 34.06 6.74
CA LEU B 303 9.78 35.25 5.91
C LEU B 303 9.48 36.50 6.72
N MET B 304 8.34 36.50 7.39
CA MET B 304 7.95 37.61 8.24
C MET B 304 9.03 38.03 9.22
N TRP B 305 9.90 37.10 9.64
CA TRP B 305 10.94 37.45 10.61
C TRP B 305 12.16 38.09 9.98
N ILE B 306 12.63 37.54 8.87
CA ILE B 306 13.79 38.11 8.23
C ILE B 306 13.48 39.53 7.80
N LEU B 307 12.26 39.78 7.33
CA LEU B 307 11.89 41.14 6.92
C LEU B 307 12.06 42.01 8.14
N TYR B 308 11.41 41.60 9.22
CA TYR B 308 11.49 42.34 10.46
C TYR B 308 12.94 42.44 10.97
N ASN B 309 13.72 41.39 10.74
CA ASN B 309 15.11 41.41 11.17
C ASN B 309 15.89 42.39 10.31
N LEU B 310 15.50 42.49 9.04
CA LEU B 310 16.15 43.38 8.09
C LEU B 310 15.84 44.83 8.41
N SER B 311 14.63 45.09 8.87
CA SER B 311 14.24 46.45 9.20
C SER B 311 14.71 46.77 10.60
N ARG B 312 15.91 46.29 10.96
CA ARG B 312 16.47 46.51 12.30
C ARG B 312 18.00 46.59 12.24
N ASN B 313 18.56 46.07 11.17
CA ASN B 313 20.01 46.09 10.98
C ASN B 313 20.22 46.62 9.58
N PRO B 314 20.19 47.96 9.44
CA PRO B 314 20.37 48.68 8.18
C PRO B 314 21.62 48.25 7.43
N GLN B 315 22.76 48.25 8.13
CA GLN B 315 24.01 47.83 7.51
C GLN B 315 23.79 46.48 6.84
N ALA B 316 23.03 45.63 7.51
CA ALA B 316 22.75 44.29 7.02
C ALA B 316 21.93 44.34 5.75
N GLN B 317 20.82 45.07 5.82
CA GLN B 317 19.95 45.18 4.65
C GLN B 317 20.72 45.82 3.52
N ARG B 318 21.65 46.69 3.90
CA ARG B 318 22.51 47.41 2.98
C ARG B 318 23.27 46.47 2.03
N ARG B 319 24.17 45.64 2.57
CA ARG B 319 24.93 44.74 1.70
C ARG B 319 24.07 43.72 0.99
N LEU B 320 22.92 43.40 1.60
CA LEU B 320 22.02 42.43 1.00
C LEU B 320 21.48 43.09 -0.27
N LEU B 321 21.10 44.36 -0.16
CA LEU B 321 20.59 45.15 -1.28
C LEU B 321 21.73 45.37 -2.29
N GLN B 322 22.95 45.54 -1.77
CA GLN B 322 24.15 45.71 -2.59
C GLN B 322 24.22 44.47 -3.48
N GLU B 323 24.27 43.31 -2.82
CA GLU B 323 24.34 42.02 -3.50
C GLU B 323 23.24 41.75 -4.51
N VAL B 324 22.01 42.13 -4.18
CA VAL B 324 20.89 41.92 -5.09
C VAL B 324 21.07 42.71 -6.37
N GLN B 325 21.19 44.03 -6.23
CA GLN B 325 21.36 44.93 -7.36
C GLN B 325 22.63 44.61 -8.16
N SER B 326 23.64 44.10 -7.47
CA SER B 326 24.90 43.77 -8.12
C SER B 326 24.90 42.42 -8.83
N VAL B 327 23.72 41.85 -9.05
CA VAL B 327 23.66 40.56 -9.72
C VAL B 327 22.37 40.46 -10.53
N LEU B 328 21.54 41.47 -10.39
CA LEU B 328 20.26 41.53 -11.09
C LEU B 328 20.00 42.99 -11.49
N PRO B 329 20.79 43.51 -12.45
CA PRO B 329 20.66 44.89 -12.92
C PRO B 329 19.23 45.17 -13.37
N ASP B 330 18.70 46.30 -12.95
CA ASP B 330 17.33 46.68 -13.28
C ASP B 330 16.42 45.79 -12.44
N ASN B 331 15.53 45.06 -13.11
CA ASN B 331 14.62 44.17 -12.42
C ASN B 331 14.63 42.83 -13.08
N GLN B 332 15.83 42.24 -13.12
CA GLN B 332 15.99 40.94 -13.70
C GLN B 332 15.29 39.98 -12.74
N THR B 333 14.62 38.99 -13.30
CA THR B 333 13.90 38.03 -12.47
C THR B 333 14.86 36.97 -11.94
N PRO B 334 14.97 36.87 -10.60
CA PRO B 334 15.84 35.91 -9.93
C PRO B 334 15.57 34.49 -10.40
N ARG B 335 16.61 33.79 -10.80
CA ARG B 335 16.48 32.42 -11.29
C ARG B 335 17.24 31.49 -10.34
N ALA B 336 16.71 30.29 -10.12
CA ALA B 336 17.38 29.34 -9.25
C ALA B 336 18.74 29.08 -9.89
N GLU B 337 19.71 29.87 -9.49
CA GLU B 337 21.06 29.77 -10.02
C GLU B 337 21.79 31.04 -9.62
N ASP B 338 21.16 32.18 -9.85
CA ASP B 338 21.75 33.47 -9.49
C ASP B 338 21.85 33.48 -7.97
N LEU B 339 21.33 32.43 -7.35
CA LEU B 339 21.38 32.27 -5.90
C LEU B 339 22.71 31.65 -5.60
N ARG B 340 23.26 30.97 -6.62
CA ARG B 340 24.57 30.33 -6.53
C ARG B 340 25.54 31.44 -6.17
N ASN B 341 25.20 32.66 -6.58
CA ASN B 341 26.01 33.84 -6.29
C ASN B 341 25.12 34.75 -5.45
N MET B 342 25.32 34.74 -4.14
CA MET B 342 24.53 35.56 -3.20
C MET B 342 24.67 35.07 -1.77
N PRO B 343 25.89 34.69 -1.38
CA PRO B 343 26.19 34.19 -0.04
C PRO B 343 25.64 35.05 1.07
N TYR B 344 25.45 36.33 0.79
CA TYR B 344 24.95 37.23 1.81
C TYR B 344 23.44 37.24 1.86
N LEU B 345 22.83 36.79 0.78
CA LEU B 345 21.39 36.72 0.75
C LEU B 345 21.08 35.53 1.64
N LYS B 346 21.75 34.42 1.36
CA LYS B 346 21.62 33.18 2.11
C LYS B 346 21.98 33.35 3.56
N ALA B 347 23.26 33.55 3.86
CA ALA B 347 23.62 33.74 5.27
C ALA B 347 22.67 34.74 5.92
N CYS B 348 21.94 35.51 5.11
CA CYS B 348 21.03 36.50 5.66
C CYS B 348 19.81 35.84 6.27
N LEU B 349 19.46 34.68 5.72
CA LEU B 349 18.31 33.92 6.20
C LEU B 349 18.77 32.96 7.28
N LYS B 350 19.99 32.44 7.13
CA LYS B 350 20.56 31.54 8.11
C LYS B 350 20.79 32.27 9.41
N GLU B 351 20.68 33.58 9.39
CA GLU B 351 20.94 34.32 10.61
C GLU B 351 19.61 34.71 11.21
N SER B 352 18.61 34.87 10.34
CA SER B 352 17.26 35.23 10.76
C SER B 352 16.73 34.04 11.56
N MET B 353 16.86 32.86 10.96
CA MET B 353 16.43 31.63 11.60
C MET B 353 17.47 31.19 12.62
N ARG B 354 17.73 32.04 13.59
CA ARG B 354 18.70 31.74 14.61
C ARG B 354 18.61 32.85 15.60
N LEU B 355 17.98 33.94 15.20
CA LEU B 355 17.78 35.04 16.12
C LEU B 355 16.31 34.95 16.42
N THR B 356 15.53 34.53 15.40
CA THR B 356 14.08 34.44 15.51
C THR B 356 13.51 33.25 14.72
N PRO B 357 13.61 32.06 15.31
CA PRO B 357 13.14 30.80 14.74
C PRO B 357 11.64 30.72 14.64
N SER B 358 11.15 29.97 13.65
CA SER B 358 9.73 29.81 13.45
C SER B 358 9.20 28.72 14.39
N VAL B 359 9.94 27.60 14.44
CA VAL B 359 9.61 26.43 15.24
C VAL B 359 10.65 26.24 16.35
N PRO B 360 10.41 26.79 17.55
CA PRO B 360 11.29 26.73 18.73
C PRO B 360 11.73 25.36 19.20
N PHE B 361 11.15 24.31 18.64
CA PHE B 361 11.53 22.95 19.02
C PHE B 361 10.73 21.83 18.36
N THR B 362 11.30 20.63 18.45
CA THR B 362 10.71 19.43 17.92
C THR B 362 10.83 18.43 19.07
N THR B 363 10.57 17.15 18.81
CA THR B 363 10.63 16.18 19.89
C THR B 363 10.82 14.74 19.41
N ARG B 364 11.44 13.92 20.26
CA ARG B 364 11.65 12.51 19.94
C ARG B 364 11.31 11.60 21.13
N THR B 365 10.94 10.36 20.81
CA THR B 365 10.63 9.37 21.82
C THR B 365 11.66 8.25 21.66
N LEU B 366 12.52 8.08 22.66
CA LEU B 366 13.55 7.05 22.62
C LEU B 366 12.89 5.68 22.48
N ASP B 367 13.53 4.77 21.75
CA ASP B 367 13.00 3.42 21.59
C ASP B 367 14.08 2.41 21.98
N LYS B 368 15.09 2.88 22.71
CA LYS B 368 16.18 2.06 23.18
C LYS B 368 16.82 2.85 24.29
N PRO B 369 17.21 2.19 25.37
CA PRO B 369 17.83 2.93 26.46
C PRO B 369 19.10 3.54 25.94
N THR B 370 19.35 4.80 26.29
CA THR B 370 20.57 5.45 25.83
C THR B 370 21.08 6.52 26.78
N VAL B 371 22.40 6.64 26.83
CA VAL B 371 23.04 7.62 27.68
C VAL B 371 23.27 8.89 26.87
N LEU B 372 22.79 10.00 27.41
CA LEU B 372 22.93 11.30 26.77
C LEU B 372 23.11 12.35 27.84
N GLY B 373 24.24 13.04 27.82
CA GLY B 373 24.47 14.09 28.79
C GLY B 373 25.29 13.69 29.99
N GLU B 374 24.99 12.55 30.56
CA GLU B 374 25.69 12.06 31.75
C GLU B 374 24.63 11.22 32.42
N TYR B 375 23.53 11.06 31.71
CA TYR B 375 22.41 10.31 32.24
C TYR B 375 21.96 9.23 31.29
N ALA B 376 21.68 8.07 31.88
CA ALA B 376 21.19 6.95 31.09
C ALA B 376 19.70 7.21 31.05
N LEU B 377 19.13 7.33 29.86
CA LEU B 377 17.71 7.59 29.76
C LEU B 377 16.92 6.39 29.27
N PRO B 378 15.89 6.00 30.05
CA PRO B 378 14.95 4.89 29.88
C PRO B 378 14.24 4.80 28.56
N LYS B 379 14.28 3.63 27.94
CA LYS B 379 13.57 3.45 26.69
C LYS B 379 12.20 4.12 26.85
N GLY B 380 11.64 4.62 25.75
CA GLY B 380 10.33 5.26 25.82
C GLY B 380 10.31 6.67 26.40
N THR B 381 11.45 7.18 26.83
CA THR B 381 11.50 8.54 27.37
C THR B 381 10.98 9.48 26.29
N VAL B 382 10.57 10.68 26.70
CA VAL B 382 10.13 11.66 25.71
C VAL B 382 11.10 12.82 25.75
N LEU B 383 11.73 13.04 24.61
CA LEU B 383 12.72 14.10 24.49
C LEU B 383 12.24 15.33 23.77
N THR B 384 12.46 16.47 24.39
CA THR B 384 12.10 17.75 23.79
C THR B 384 13.38 18.57 23.55
N LEU B 385 13.78 18.63 22.28
CA LEU B 385 15.00 19.34 21.85
C LEU B 385 14.79 20.83 21.68
N ASN B 386 15.14 21.60 22.69
CA ASN B 386 14.97 23.03 22.62
C ASN B 386 15.91 23.54 21.55
N THR B 387 15.49 23.38 20.30
CA THR B 387 16.23 23.77 19.13
C THR B 387 16.67 25.23 19.10
N GLN B 388 15.77 26.12 19.49
CA GLN B 388 16.03 27.55 19.44
C GLN B 388 16.82 28.14 20.59
N VAL B 389 17.06 27.41 21.66
CA VAL B 389 17.82 27.99 22.76
C VAL B 389 19.27 27.94 22.32
N LEU B 390 19.49 27.17 21.26
CA LEU B 390 20.81 26.98 20.67
C LEU B 390 21.43 28.28 20.17
N GLY B 391 20.64 29.11 19.51
CA GLY B 391 21.15 30.37 18.99
C GLY B 391 21.82 31.33 19.96
N SER B 392 21.28 31.46 21.18
CA SER B 392 21.86 32.39 22.15
C SER B 392 23.19 31.93 22.74
N SER B 393 23.65 30.77 22.28
CA SER B 393 24.89 30.20 22.78
C SER B 393 26.07 31.13 22.59
N GLU B 394 26.37 31.95 23.58
CA GLU B 394 27.53 32.80 23.47
C GLU B 394 28.72 31.86 23.65
N ASP B 395 28.59 30.68 23.07
CA ASP B 395 29.60 29.63 23.13
C ASP B 395 29.70 29.10 21.69
N ASN B 396 28.56 29.12 21.01
CA ASN B 396 28.46 28.66 19.63
C ASN B 396 28.45 29.82 18.63
N PHE B 397 28.22 31.03 19.14
CA PHE B 397 28.15 32.24 18.31
C PHE B 397 28.78 33.47 19.00
N GLU B 398 29.83 34.05 18.41
CA GLU B 398 30.46 35.24 18.98
C GLU B 398 29.43 36.36 18.95
N ASP B 399 29.25 37.07 20.06
CA ASP B 399 28.23 38.12 20.11
C ASP B 399 26.93 37.46 19.65
N SER B 400 26.46 36.48 20.43
CA SER B 400 25.25 35.75 20.08
C SER B 400 23.98 36.56 20.06
N HIS B 401 24.07 37.88 19.90
CA HIS B 401 22.86 38.69 19.89
C HIS B 401 22.85 39.77 18.81
N LYS B 402 23.89 39.83 18.00
CA LYS B 402 23.97 40.82 16.93
C LYS B 402 23.61 40.13 15.61
N PHE B 403 22.75 40.75 14.80
CA PHE B 403 22.39 40.17 13.51
C PHE B 403 23.60 40.39 12.59
N ARG B 404 24.26 39.30 12.21
CA ARG B 404 25.43 39.37 11.34
C ARG B 404 25.50 38.22 10.37
N PRO B 405 24.87 38.34 9.19
CA PRO B 405 24.94 37.23 8.22
C PRO B 405 26.42 36.90 7.98
N GLU B 406 27.28 37.75 8.52
CA GLU B 406 28.72 37.63 8.39
C GLU B 406 29.26 36.32 8.89
N ARG B 407 29.13 36.09 10.20
CA ARG B 407 29.60 34.87 10.83
C ARG B 407 29.44 33.66 9.93
N TRP B 408 28.38 33.66 9.12
CA TRP B 408 28.09 32.56 8.20
C TRP B 408 28.96 32.52 6.96
N LEU B 409 29.66 33.61 6.71
CA LEU B 409 30.53 33.72 5.54
C LEU B 409 31.97 33.81 6.01
N GLN B 410 32.19 34.63 7.02
CA GLN B 410 33.51 34.85 7.62
C GLN B 410 34.23 33.52 7.91
N LYS B 411 35.08 33.08 6.99
CA LYS B 411 35.83 31.82 7.11
C LYS B 411 36.68 31.65 8.37
N GLU B 412 37.23 32.76 8.86
CA GLU B 412 38.08 32.75 10.06
C GLU B 412 37.48 32.02 11.27
N LYS B 413 36.14 32.00 11.35
CA LYS B 413 35.47 31.36 12.49
C LYS B 413 35.26 29.86 12.46
N LYS B 414 34.01 29.40 12.50
CA LYS B 414 33.71 27.97 12.55
C LYS B 414 32.24 27.62 12.39
N ILE B 415 31.52 27.76 13.50
CA ILE B 415 30.10 27.46 13.74
C ILE B 415 29.74 25.98 13.59
N ASN B 416 29.53 25.39 14.76
CA ASN B 416 29.17 23.98 14.92
C ASN B 416 27.87 23.70 14.17
N PRO B 417 27.86 22.70 13.28
CA PRO B 417 26.63 22.41 12.54
C PRO B 417 25.45 21.99 13.45
N PHE B 418 25.75 21.40 14.60
CA PHE B 418 24.70 20.99 15.53
C PHE B 418 24.42 22.12 16.50
N ALA B 419 24.42 23.35 16.01
CA ALA B 419 24.16 24.51 16.87
C ALA B 419 23.24 25.49 16.17
N HIS B 420 22.74 25.05 15.02
CA HIS B 420 21.82 25.80 14.18
C HIS B 420 20.98 24.75 13.47
N LEU B 421 19.82 24.42 14.03
CA LEU B 421 18.97 23.38 13.45
C LEU B 421 17.49 23.74 13.38
N PRO B 422 17.15 24.74 12.58
CA PRO B 422 15.77 25.22 12.41
C PRO B 422 14.86 24.27 11.67
N PHE B 423 15.41 23.17 11.16
CA PHE B 423 14.62 22.24 10.37
C PHE B 423 14.62 20.83 10.98
N GLY B 424 15.15 20.74 12.20
CA GLY B 424 15.22 19.47 12.89
C GLY B 424 16.58 18.80 12.78
N ILE B 425 16.64 17.52 13.14
CA ILE B 425 17.88 16.76 13.08
C ILE B 425 17.54 15.35 12.72
N GLY B 426 18.46 14.69 12.02
CA GLY B 426 18.25 13.30 11.67
C GLY B 426 17.45 13.10 10.41
N LYS B 427 17.27 11.84 10.03
CA LYS B 427 16.54 11.50 8.82
C LYS B 427 15.06 11.79 8.89
N ARG B 428 14.64 12.30 10.04
CA ARG B 428 13.25 12.63 10.25
C ARG B 428 13.16 14.12 10.45
N MET B 429 14.07 14.86 9.82
CA MET B 429 14.08 16.32 9.93
C MET B 429 13.19 16.81 8.79
N CYS B 430 13.02 18.12 8.65
CA CYS B 430 12.16 18.63 7.58
C CYS B 430 12.55 18.12 6.21
N ILE B 431 11.57 17.64 5.47
CA ILE B 431 11.74 17.09 4.11
C ILE B 431 11.47 18.22 3.10
N GLY B 432 11.21 19.42 3.61
CA GLY B 432 10.94 20.52 2.72
C GLY B 432 11.92 21.65 2.91
N ARG B 433 13.03 21.35 3.59
CA ARG B 433 14.06 22.35 3.88
C ARG B 433 14.46 23.10 2.59
N ARG B 434 14.69 22.33 1.53
CA ARG B 434 15.06 22.90 0.25
C ARG B 434 13.94 23.80 -0.21
N LEU B 435 12.97 23.22 -0.91
CA LEU B 435 11.83 24.00 -1.40
C LEU B 435 11.57 25.26 -0.60
N ALA B 436 11.36 25.10 0.71
CA ALA B 436 11.09 26.26 1.54
C ALA B 436 12.13 27.32 1.28
N GLU B 437 13.38 26.94 1.51
CA GLU B 437 14.53 27.84 1.32
C GLU B 437 14.52 28.56 -0.01
N LEU B 438 14.41 27.79 -1.08
CA LEU B 438 14.39 28.40 -2.39
C LEU B 438 13.32 29.48 -2.30
N GLN B 439 12.07 29.09 -2.10
CA GLN B 439 10.99 30.04 -1.98
C GLN B 439 11.40 31.22 -1.11
N LEU B 440 12.01 30.95 0.04
CA LEU B 440 12.40 32.03 0.93
C LEU B 440 13.56 32.87 0.43
N HIS B 441 14.29 32.33 -0.54
CA HIS B 441 15.43 33.03 -1.11
C HIS B 441 14.93 33.96 -2.20
N LEU B 442 14.29 33.39 -3.23
CA LEU B 442 13.74 34.21 -4.29
C LEU B 442 12.67 35.13 -3.67
N ALA B 443 12.50 35.05 -2.37
CA ALA B 443 11.48 35.88 -1.74
C ALA B 443 12.10 37.22 -1.49
N LEU B 444 13.20 37.21 -0.76
CA LEU B 444 13.89 38.43 -0.44
C LEU B 444 14.20 39.19 -1.71
N CYS B 445 14.68 38.48 -2.73
CA CYS B 445 15.00 39.10 -3.98
C CYS B 445 13.94 40.12 -4.34
N TRP B 446 12.79 39.67 -4.79
CA TRP B 446 11.73 40.59 -5.13
C TRP B 446 11.56 41.71 -4.11
N ILE B 447 11.11 41.38 -2.91
CA ILE B 447 10.89 42.40 -1.88
C ILE B 447 12.00 43.42 -1.68
N ILE B 448 13.26 43.04 -1.92
CA ILE B 448 14.37 43.98 -1.75
C ILE B 448 14.62 44.70 -3.09
N GLN B 449 14.54 43.94 -4.17
CA GLN B 449 14.73 44.48 -5.52
C GLN B 449 13.76 45.63 -5.68
N LYS B 450 12.60 45.53 -5.04
CA LYS B 450 11.59 46.56 -5.15
C LYS B 450 11.60 47.56 -3.99
N TYR B 451 11.00 47.20 -2.87
CA TYR B 451 10.94 48.12 -1.73
C TYR B 451 12.21 48.14 -0.90
N ASP B 452 12.11 48.84 0.23
CA ASP B 452 13.20 48.96 1.17
C ASP B 452 12.53 48.79 2.53
N ILE B 453 12.94 47.75 3.27
CA ILE B 453 12.38 47.44 4.58
C ILE B 453 13.16 47.99 5.77
N VAL B 454 12.66 49.08 6.33
CA VAL B 454 13.22 49.71 7.52
C VAL B 454 11.94 50.29 8.06
N ALA B 455 11.84 50.53 9.36
CA ALA B 455 10.55 51.03 9.80
C ALA B 455 10.27 51.52 11.18
N THR B 456 8.99 51.80 11.35
CA THR B 456 8.34 52.30 12.53
C THR B 456 8.67 51.59 13.82
N ASP B 457 8.39 52.26 14.94
CA ASP B 457 8.57 51.69 16.26
C ASP B 457 10.01 51.30 16.63
N ASN B 458 10.17 50.88 17.87
CA ASN B 458 11.42 50.42 18.46
C ASN B 458 11.01 49.78 19.77
N GLU B 459 9.72 49.89 20.05
CA GLU B 459 9.12 49.30 21.24
C GLU B 459 9.52 47.84 21.13
N PRO B 460 9.61 47.14 22.25
CA PRO B 460 10.00 45.74 22.19
C PRO B 460 8.97 44.86 21.47
N VAL B 461 9.45 44.00 20.57
CA VAL B 461 8.57 43.08 19.87
C VAL B 461 8.77 41.69 20.46
N GLU B 462 7.91 41.33 21.41
CA GLU B 462 7.99 40.04 22.07
C GLU B 462 7.36 38.90 21.29
N MET B 463 7.83 37.69 21.56
CA MET B 463 7.34 36.51 20.87
C MET B 463 6.34 35.72 21.71
N LEU B 464 5.41 35.05 21.01
CA LEU B 464 4.38 34.25 21.64
C LEU B 464 4.32 32.91 20.94
N HIS B 465 4.43 31.84 21.72
CA HIS B 465 4.41 30.50 21.17
C HIS B 465 3.03 29.93 20.89
N LEU B 466 2.54 30.15 19.67
CA LEU B 466 1.23 29.63 19.28
C LEU B 466 1.46 28.80 18.01
N GLY B 467 1.94 27.57 18.23
CA GLY B 467 2.24 26.68 17.12
C GLY B 467 3.65 27.00 16.68
N ILE B 468 3.84 28.28 16.34
CA ILE B 468 5.11 28.78 15.91
C ILE B 468 5.23 30.18 16.50
N LEU B 469 6.45 30.59 16.79
CA LEU B 469 6.66 31.91 17.35
C LEU B 469 6.04 32.97 16.43
N VAL B 470 5.37 33.93 17.05
CA VAL B 470 4.67 35.02 16.35
C VAL B 470 4.74 36.22 17.27
N PRO B 471 4.65 37.43 16.73
CA PRO B 471 4.71 38.67 17.51
C PRO B 471 3.53 38.97 18.47
N SER B 472 3.85 39.45 19.66
CA SER B 472 2.82 39.80 20.63
C SER B 472 1.95 40.89 20.01
N ARG B 473 2.58 42.00 19.65
CA ARG B 473 1.90 43.12 19.03
C ARG B 473 1.90 42.96 17.51
N GLU B 474 1.45 43.99 16.81
CA GLU B 474 1.41 43.96 15.36
C GLU B 474 2.79 44.41 14.86
N LEU B 475 3.51 43.51 14.18
CA LEU B 475 4.85 43.80 13.67
C LEU B 475 5.00 45.20 13.10
N PRO B 476 6.09 45.91 13.48
CA PRO B 476 6.37 47.27 13.04
C PRO B 476 7.30 47.48 11.84
N ILE B 477 6.86 47.13 10.64
CA ILE B 477 7.72 47.34 9.48
C ILE B 477 7.05 48.27 8.47
N ALA B 478 7.87 48.83 7.58
CA ALA B 478 7.41 49.75 6.55
C ALA B 478 8.10 49.44 5.23
N PHE B 479 7.34 49.50 4.14
CA PHE B 479 7.85 49.21 2.82
C PHE B 479 8.05 50.46 1.97
N ARG B 480 8.97 51.32 2.37
CA ARG B 480 9.26 52.55 1.63
C ARG B 480 9.75 52.12 0.25
N PRO B 481 8.99 52.47 -0.81
CA PRO B 481 9.30 52.14 -2.20
C PRO B 481 10.56 52.77 -2.78
N ARG B 482 11.56 52.98 -1.91
CA ARG B 482 12.84 53.56 -2.30
C ARG B 482 13.33 52.92 -3.60
CHA HEM C . -9.20 -31.45 -7.69
CHB HEM C . -7.06 -27.27 -7.69
CHC HEM C . -5.75 -27.72 -12.16
CHD HEM C . -8.34 -31.61 -12.33
C1A HEM C . -8.65 -30.26 -7.19
C2A HEM C . -8.64 -29.79 -5.84
C3A HEM C . -7.91 -28.63 -5.86
C4A HEM C . -7.52 -28.43 -7.18
CMA HEM C . -7.57 -27.68 -4.66
CAA HEM C . -9.29 -30.44 -4.59
CBA HEM C . -8.43 -31.39 -3.81
CGA HEM C . -9.09 -31.95 -2.55
O1A HEM C . -8.62 -31.66 -1.44
O2A HEM C . -10.09 -32.67 -2.61
C1B HEM C . -6.32 -27.04 -8.82
C2B HEM C . -5.53 -25.92 -9.04
C3B HEM C . -5.23 -25.97 -10.45
C4B HEM C . -5.88 -27.15 -10.90
CMB HEM C . -5.14 -24.94 -7.96
CAB HEM C . -4.44 -25.08 -11.25
CBB HEM C . -3.64 -23.87 -10.89
C1C HEM C . -6.09 -28.98 -12.60
C2C HEM C . -5.98 -29.40 -13.91
C3C HEM C . -6.75 -30.60 -14.00
C4C HEM C . -7.26 -30.81 -12.69
CMC HEM C . -5.19 -28.67 -15.04
CAC HEM C . -7.02 -31.46 -15.03
CBC HEM C . -6.20 -32.41 -15.69
C1D HEM C . -8.73 -32.00 -11.10
C2D HEM C . -9.54 -33.09 -10.82
C3D HEM C . -9.78 -33.10 -9.47
C4D HEM C . -9.06 -31.99 -8.98
CMD HEM C . -10.09 -34.10 -11.83
CAD HEM C . -10.63 -34.12 -8.66
CBD HEM C . -9.79 -35.32 -8.17
CGD HEM C . -10.57 -36.38 -7.36
O1D HEM C . -10.88 -37.44 -7.87
O2D HEM C . -10.88 -36.10 -6.19
NA HEM C . -7.94 -29.37 -7.98
NB HEM C . -6.53 -27.74 -9.89
NC HEM C . -6.84 -29.82 -11.87
ND HEM C . -8.45 -31.35 -10.01
FE HEM C . -7.43 -29.56 -9.94
C7 CM5 D . -26.33 -19.81 -4.02
C8 CM5 D . -27.61 -19.10 -4.46
C9 CM5 D . -28.17 -19.65 -5.78
C10 CM5 D . -27.10 -19.55 -6.87
C11 CM5 D . -25.76 -20.15 -6.43
C6 CM5 D . -25.92 -20.85 -5.07
C5 CM5 D . -24.55 -21.44 -4.73
C4 CM5 D . -24.35 -21.92 -3.29
C3 CM5 D . -23.63 -23.26 -3.46
C2 CM5 D . -22.20 -22.98 -3.97
C1 CM5 D . -21.60 -24.09 -4.83
O12 CM5 D . -22.12 -24.07 -6.17
C13 CM5 D . -21.59 -23.10 -7.08
C18 CM5 D . -21.55 -21.70 -6.46
O22 CM5 D . -20.22 -21.38 -6.04
C17 CM5 D . -21.89 -20.86 -7.68
O21 CM5 D . -21.98 -19.45 -7.45
O14 CM5 D . -20.26 -23.33 -7.62
C15 CM5 D . -19.75 -22.22 -8.38
C19 CM5 D . -19.15 -22.70 -9.70
O20 CM5 D . -20.17 -23.20 -10.56
C16 CM5 D . -20.80 -21.16 -8.71
O23 CM5 D . -20.41 -19.92 -9.33
C24 CM5 D . -20.81 -20.31 -10.63
O25 CM5 D . -19.66 -20.16 -11.48
C26 CM5 D . -19.74 -19.06 -12.40
C30 CM5 D . -18.41 -18.64 -13.02
O31 CM5 D . -18.13 -19.36 -14.23
C27 CM5 D . -20.58 -17.90 -11.87
O32 CM5 D . -20.55 -16.83 -12.83
C28 CM5 D . -21.99 -18.47 -11.87
O33 CM5 D . -22.92 -17.48 -11.42
C29 CM5 D . -22.17 -19.77 -11.07
O34 CM5 D . -23.01 -19.47 -9.94
C7 CM5 E . -26.98 -18.93 -1.25
C8 CM5 E . -28.46 -19.28 -1.40
C9 CM5 E . -29.10 -19.61 -0.04
C10 CM5 E . -28.81 -18.49 0.96
C11 CM5 E . -27.32 -18.22 1.11
C6 CM5 E . -26.48 -19.10 0.18
C5 CM5 E . -26.60 -20.57 0.59
C4 CM5 E . -25.31 -21.16 1.17
C3 CM5 E . -24.25 -21.38 0.10
C2 CM5 E . -23.71 -22.81 0.21
C1 CM5 E . -22.18 -22.85 0.13
O12 CM5 E . -21.59 -22.12 1.23
C13 CM5 E . -20.18 -21.95 1.02
C18 CM5 E . -19.41 -23.27 1.16
O22 CM5 E . -20.24 -24.39 0.88
C17 CM5 E . -18.21 -23.27 0.20
O21 CM5 E . -17.49 -24.49 0.33
O14 CM5 E . -19.89 -21.32 -0.24
C15 CM5 E . -19.95 -22.29 -1.29
C19 CM5 E . -20.04 -21.60 -2.65
O20 CM5 E . -18.79 -20.99 -2.98
C16 CM5 E . -18.69 -23.14 -1.24
O23 CM5 E . -19.00 -24.41 -1.82
C24 CM5 E . -18.68 -24.43 -3.22
O25 CM5 E . -18.63 -25.80 -3.66
C26 CM5 E . -18.51 -25.92 -5.08
C30 CM5 E . -18.30 -27.39 -5.48
O31 CM5 E . -18.09 -27.47 -6.89
C27 CM5 E . -17.32 -25.11 -5.61
O32 CM5 E . -17.78 -24.02 -6.41
C28 CM5 E . -16.47 -24.60 -4.44
O33 CM5 E . -15.92 -25.70 -3.71
C29 CM5 E . -17.34 -23.75 -3.51
O34 CM5 E . -16.59 -23.55 -2.30
CHA HEM F . 9.03 18.90 9.77
CHB HEM F . 10.57 23.40 10.20
CHC HEM F . 8.76 24.37 5.91
CHD HEM F . 7.46 19.89 5.50
C1A HEM F . 9.76 20.00 10.25
C2A HEM F . 10.41 20.08 11.49
C3A HEM F . 10.84 21.38 11.61
C4A HEM F . 10.44 22.04 10.45
CMA HEM F . 11.62 22.02 12.79
CAA HEM F . 10.60 18.94 12.48
CBA HEM F . 11.85 18.15 12.26
CGA HEM F . 12.07 17.06 13.28
O1A HEM F . 12.87 17.27 14.20
O2A HEM F . 11.48 16.00 13.22
C1B HEM F . 10.31 24.14 9.03
C2B HEM F . 10.45 25.54 8.88
C3B HEM F . 9.91 25.81 7.60
C4B HEM F . 9.49 24.56 7.08
CMB HEM F . 11.05 26.50 9.88
CAB HEM F . 9.79 27.06 6.92
CBB HEM F . 10.78 28.15 6.71
C1C HEM F . 8.28 23.24 5.33
C2C HEM F . 7.82 23.13 4.02
C3C HEM F . 7.39 21.79 3.87
C4C HEM F . 7.62 21.20 5.14
CMC HEM F . 7.81 24.25 2.95
CAC HEM F . 6.85 21.09 2.85
CBC HEM F . 7.24 20.96 1.49
C1D HEM F . 7.50 19.33 6.72
C2D HEM F . 7.18 17.99 6.94
C3D HEM F . 7.79 17.59 8.08
C4D HEM F . 8.46 18.74 8.53
CMD HEM F . 6.30 17.08 6.04
CAD HEM F . 7.70 16.16 8.70
CBD HEM F . 8.81 15.23 8.17
CGD HEM F . 8.79 13.79 8.70
O1D HEM F . 8.61 12.85 7.96
O2D HEM F . 8.96 13.62 9.93
NA HEM F . 9.80 21.22 9.62
NB HEM F . 9.74 23.58 7.95
NC HEM F . 8.16 22.10 5.99
ND HEM F . 8.24 19.77 7.68
FE HEM F . 8.95 21.69 7.83
#